data_6WVZ
#
_entry.id   6WVZ
#
_cell.length_a   86.830
_cell.length_b   86.830
_cell.length_c   457.099
_cell.angle_alpha   90.000
_cell.angle_beta   90.000
_cell.angle_gamma   90.000
#
_symmetry.space_group_name_H-M   'P 43 21 2'
#
loop_
_entity.id
_entity.type
_entity.pdbx_description
1 polymer 'Heavy Chain of anti-MET Fab of amivantamab'
2 polymer 'Light Chain of anti-MET Fab of amivantamab'
3 polymer 'Hepatocyte growth factor receptor'
4 branched 2-acetamido-2-deoxy-beta-D-glucopyranose-(1-4)-2-acetamido-2-deoxy-beta-D-glucopyranose
5 branched 2-acetamido-2-deoxy-beta-D-glucopyranose-(1-4)-[alpha-L-fucopyranose-(1-6)]2-acetamido-2-deoxy-beta-D-glucopyranose
6 non-polymer 2-acetamido-2-deoxy-beta-D-glucopyranose
7 non-polymer 'FORMIC ACID'
8 water water
#
loop_
_entity_poly.entity_id
_entity_poly.type
_entity_poly.pdbx_seq_one_letter_code
_entity_poly.pdbx_strand_id
1 'polypeptide(L)'
;QVQLVQSGAEVKKPGASVKVSCETSGYTFTSYGISWVRQAPGHGLEWMGWISAYNGYTNYAQKLQGRVTMTTDTSTSTAY
MELRSLRSDDTAVYYCARDLRGTNYFDYWGQGTLVTVSSASTKGPSVFPLAPSSKSTSGGTAALGCLVKDYFPEPVTVSW
NSGALTSGVHTFPAVLQSSGLYSLSSVVTVPSSSLGTQTYICNVNHKPSNTKVDKRVEPKSCHHHHHH
;
H
2 'polypeptide(L)'
;DIQMTQSPSSVSASVGDRVTITCRASQGISNWLAWFQHKPGKAPKLLIYAASSLLSGVPSRFSGSGSGTDFTLTISSLQP
EDFATYYCQQANSFPITFGQGTRLEIKRTVAAPSVFIFPPSDEQLKSGTASVVCLLNNFYPREAKVQWKVDNALQSGNSQ
ESVTEQDSKDSTYSLSSTLTLSKADYEKHKVYACEVTHQGLSSPVTKSFNRGEC
;
L
3 'polypeptide(L)'
;MKYQLPNFTAETPIQNVILHEHHIFLGATNYIYVLNEEDLQKVAEYKTGPVLEHPDCFPCQDCSSKANLSGGVWKDNINM
ALVVDTYYDDQLISCGSVNRGTCQRHVFPHNHTADIQSEVHCIFSPQIEEPSQCPDCVVSALGAKVLSSVKDRFINFFVG
NTINSSYFPDHPLHSISVRRLKETKDGFMFLTDQSYIDVLPEFRDSYPIKYVHAFESNNFIYFLTVQRETLDAQTFHTRI
IRFCSINSGLHSYMEMPLECILTEKRKKRSTKKEVFNILQAAYVSKPGAQLARQIGASLNDDILFGVFAQSKPDSAEPMD
RSAMCAFPIKYVNDFFNKIVNKNNVRCLQHFYGPNHEHCFNRTLLRNSSGCEARRDEYRTEFTTALQRVDLFMGQFSEVL
LTSISTFIKGDLTIANLGTSEGRFMQVVVSRSGPSTPHVNFLLDSHPVSPEVIVEHTLNQNGYTLVITGKKITKIPLNGL
GCRHFQSCSQCLSAPPFVQCGWCHDKCVRSEECLSGTWTQQICLPAHHHHHHHH
;
M
#
loop_
_chem_comp.id
_chem_comp.type
_chem_comp.name
_chem_comp.formula
FMT non-polymer 'FORMIC ACID' 'C H2 O2'
FUC L-saccharide, alpha linking alpha-L-fucopyranose 'C6 H12 O5'
NAG D-saccharide, beta linking 2-acetamido-2-deoxy-beta-D-glucopyranose 'C8 H15 N O6'
#
# COMPACT_ATOMS: atom_id res chain seq x y z
N GLN A 1 11.48 -24.93 -1.93
CA GLN A 1 12.03 -24.17 -0.80
C GLN A 1 12.92 -23.03 -1.29
N VAL A 2 12.53 -21.80 -0.96
CA VAL A 2 13.28 -20.60 -1.36
C VAL A 2 14.30 -20.29 -0.28
N GLN A 3 15.59 -20.38 -0.64
CA GLN A 3 16.66 -20.24 0.34
C GLN A 3 17.78 -19.37 -0.19
N LEU A 4 18.38 -18.60 0.71
CA LEU A 4 19.60 -17.83 0.43
C LEU A 4 20.71 -18.39 1.32
N VAL A 5 21.81 -18.79 0.71
CA VAL A 5 22.92 -19.45 1.40
C VAL A 5 24.18 -18.64 1.16
N GLN A 6 24.69 -18.00 2.21
CA GLN A 6 25.90 -17.20 2.10
C GLN A 6 27.14 -18.08 2.30
N SER A 7 28.30 -17.50 2.02
CA SER A 7 29.57 -18.22 2.15
C SER A 7 29.93 -18.37 3.63
N GLY A 8 31.19 -18.73 3.89
CA GLY A 8 31.64 -18.89 5.26
C GLY A 8 32.17 -17.60 5.86
N ALA A 9 32.50 -17.68 7.14
CA ALA A 9 33.08 -16.54 7.83
C ALA A 9 34.53 -16.33 7.38
N GLU A 10 35.01 -15.11 7.55
CA GLU A 10 36.34 -14.76 7.07
C GLU A 10 36.98 -13.74 8.01
N VAL A 11 38.31 -13.84 8.11
CA VAL A 11 39.12 -12.92 8.89
C VAL A 11 40.16 -12.30 7.97
N LYS A 12 40.28 -10.98 8.01
CA LYS A 12 41.18 -10.24 7.14
C LYS A 12 41.99 -9.23 7.95
N LYS A 13 43.17 -8.88 7.41
CA LYS A 13 43.92 -7.83 8.06
C LYS A 13 43.50 -6.47 7.52
N PRO A 14 43.67 -5.40 8.31
CA PRO A 14 43.32 -4.07 7.83
C PRO A 14 44.03 -3.72 6.54
N GLY A 15 43.35 -2.96 5.69
CA GLY A 15 43.86 -2.57 4.40
C GLY A 15 43.49 -3.51 3.26
N ALA A 16 43.27 -4.79 3.56
CA ALA A 16 42.92 -5.78 2.55
C ALA A 16 41.44 -5.68 2.22
N SER A 17 40.98 -6.58 1.36
CA SER A 17 39.59 -6.60 0.92
C SER A 17 38.98 -7.96 1.23
N VAL A 18 37.66 -8.02 1.11
CA VAL A 18 36.90 -9.24 1.38
C VAL A 18 35.80 -9.36 0.32
N LYS A 19 35.54 -10.60 -0.11
CA LYS A 19 34.51 -10.87 -1.11
C LYS A 19 33.60 -11.96 -0.57
N VAL A 20 32.35 -11.61 -0.31
CA VAL A 20 31.32 -12.50 0.22
C VAL A 20 30.36 -12.89 -0.89
N SER A 21 30.01 -14.17 -0.95
CA SER A 21 29.07 -14.68 -1.95
C SER A 21 27.75 -15.07 -1.29
N CYS A 22 26.70 -15.10 -2.11
CA CYS A 22 25.35 -15.39 -1.63
C CYS A 22 24.61 -16.12 -2.74
N GLU A 23 24.52 -17.45 -2.62
CA GLU A 23 23.88 -18.28 -3.62
C GLU A 23 22.41 -18.44 -3.26
N THR A 24 21.52 -18.03 -4.17
CA THR A 24 20.08 -18.06 -3.95
C THR A 24 19.46 -19.18 -4.77
N SER A 25 18.31 -19.68 -4.30
CA SER A 25 17.59 -20.70 -5.02
C SER A 25 16.11 -20.65 -4.63
N GLY A 26 15.26 -21.11 -5.53
CA GLY A 26 13.83 -21.21 -5.27
C GLY A 26 12.96 -20.23 -6.01
N TYR A 27 13.52 -19.37 -6.85
CA TYR A 27 12.73 -18.40 -7.58
C TYR A 27 13.49 -17.96 -8.81
N THR A 28 12.78 -17.30 -9.73
CA THR A 28 13.43 -16.68 -10.87
C THR A 28 14.32 -15.53 -10.37
N PHE A 29 15.62 -15.65 -10.62
CA PHE A 29 16.58 -14.76 -9.97
C PHE A 29 16.40 -13.31 -10.41
N THR A 30 16.24 -13.08 -11.71
CA THR A 30 16.19 -11.71 -12.22
C THR A 30 14.99 -10.94 -11.70
N SER A 31 13.92 -11.65 -11.32
CA SER A 31 12.68 -10.99 -10.89
C SER A 31 12.79 -10.34 -9.53
N TYR A 32 13.91 -10.49 -8.83
CA TYR A 32 14.10 -9.88 -7.53
C TYR A 32 15.42 -9.13 -7.49
N GLY A 33 15.55 -8.23 -6.52
CA GLY A 33 16.80 -7.55 -6.26
C GLY A 33 17.47 -8.07 -5.01
N ILE A 34 18.76 -7.77 -4.88
CA ILE A 34 19.57 -8.22 -3.76
C ILE A 34 20.14 -7.01 -3.04
N SER A 35 19.90 -6.93 -1.74
CA SER A 35 20.45 -5.87 -0.89
C SER A 35 21.40 -6.50 0.13
N TRP A 36 22.29 -5.67 0.66
CA TRP A 36 23.24 -6.13 1.68
C TRP A 36 23.13 -5.26 2.93
N VAL A 37 23.07 -5.91 4.09
CA VAL A 37 22.88 -5.21 5.38
C VAL A 37 23.84 -5.82 6.40
N ARG A 38 24.70 -4.98 6.98
CA ARG A 38 25.66 -5.44 7.97
C ARG A 38 25.29 -4.93 9.36
N GLN A 39 25.78 -5.63 10.38
CA GLN A 39 25.57 -5.26 11.78
C GLN A 39 26.86 -5.50 12.56
N ALA A 40 27.37 -4.45 13.21
CA ALA A 40 28.57 -4.51 14.03
C ALA A 40 28.19 -4.80 15.48
N PRO A 41 29.09 -5.45 16.22
CA PRO A 41 28.80 -5.77 17.63
C PRO A 41 28.46 -4.52 18.43
N GLY A 42 27.28 -4.53 19.05
CA GLY A 42 26.79 -3.40 19.81
C GLY A 42 26.03 -2.38 19.01
N HIS A 43 25.78 -2.63 17.73
CA HIS A 43 25.11 -1.68 16.86
C HIS A 43 23.91 -2.36 16.18
N GLY A 44 23.10 -1.55 15.52
CA GLY A 44 21.93 -2.02 14.82
C GLY A 44 22.20 -2.27 13.35
N LEU A 45 21.12 -2.45 12.60
CA LEU A 45 21.23 -2.79 11.19
C LEU A 45 21.64 -1.55 10.39
N GLU A 46 22.44 -1.78 9.35
CA GLU A 46 22.95 -0.70 8.51
C GLU A 46 22.91 -1.16 7.06
N TRP A 47 22.18 -0.43 6.22
CA TRP A 47 22.08 -0.75 4.81
C TRP A 47 23.35 -0.34 4.10
N MET A 48 23.87 -1.23 3.24
CA MET A 48 25.10 -0.97 2.50
C MET A 48 24.86 -0.70 1.02
N GLY A 49 23.91 -1.39 0.40
CA GLY A 49 23.67 -1.17 -1.02
C GLY A 49 22.64 -2.14 -1.56
N TRP A 50 22.18 -1.81 -2.75
CA TRP A 50 21.18 -2.61 -3.48
C TRP A 50 21.64 -2.79 -4.92
N ILE A 51 21.40 -3.99 -5.46
CA ILE A 51 21.75 -4.33 -6.83
C ILE A 51 20.55 -5.02 -7.48
N SER A 52 20.27 -4.64 -8.73
CA SER A 52 19.20 -5.18 -9.54
C SER A 52 19.84 -5.98 -10.67
N ALA A 53 19.69 -7.31 -10.63
CA ALA A 53 20.27 -8.15 -11.67
C ALA A 53 19.67 -7.85 -13.04
N TYR A 54 18.40 -7.44 -13.07
CA TYR A 54 17.74 -7.12 -14.33
C TYR A 54 18.46 -5.98 -15.04
N ASN A 55 18.52 -4.81 -14.40
CA ASN A 55 19.08 -3.62 -15.01
C ASN A 55 20.59 -3.50 -14.82
N GLY A 56 21.17 -4.21 -13.86
CA GLY A 56 22.54 -3.96 -13.49
C GLY A 56 22.74 -2.73 -12.64
N TYR A 57 21.66 -2.06 -12.23
CA TYR A 57 21.75 -0.87 -11.42
C TYR A 57 22.30 -1.21 -10.04
N THR A 58 23.11 -0.31 -9.50
CA THR A 58 23.68 -0.46 -8.17
C THR A 58 23.58 0.86 -7.44
N ASN A 59 23.32 0.80 -6.14
CA ASN A 59 23.34 2.00 -5.31
C ASN A 59 23.96 1.66 -3.96
N TYR A 60 24.99 2.41 -3.58
CA TYR A 60 25.76 2.18 -2.37
C TYR A 60 25.60 3.36 -1.42
N ALA A 61 25.87 3.11 -0.14
CA ALA A 61 25.78 4.16 0.87
C ALA A 61 27.02 5.03 0.82
N GLN A 62 26.82 6.35 0.87
CA GLN A 62 27.94 7.27 0.90
C GLN A 62 28.76 7.14 2.17
N LYS A 63 28.23 6.46 3.20
CA LYS A 63 28.97 6.24 4.43
C LYS A 63 30.14 5.27 4.26
N LEU A 64 30.20 4.54 3.15
CA LEU A 64 31.23 3.53 2.95
C LEU A 64 32.35 4.00 2.02
N GLN A 65 32.41 5.30 1.71
CA GLN A 65 33.52 5.89 0.96
C GLN A 65 33.76 5.18 -0.37
N GLY A 66 32.70 4.63 -0.97
CA GLY A 66 32.84 3.98 -2.27
C GLY A 66 33.75 2.79 -2.27
N ARG A 67 33.90 2.11 -1.13
CA ARG A 67 34.72 0.91 -1.02
C ARG A 67 33.97 -0.35 -1.40
N VAL A 68 32.69 -0.25 -1.79
CA VAL A 68 31.84 -1.41 -2.00
C VAL A 68 31.69 -1.67 -3.49
N THR A 69 31.55 -2.95 -3.84
CA THR A 69 31.36 -3.34 -5.24
C THR A 69 30.50 -4.59 -5.25
N MET A 70 29.28 -4.48 -5.77
CA MET A 70 28.34 -5.60 -5.84
C MET A 70 28.27 -6.09 -7.28
N THR A 71 28.32 -7.41 -7.45
CA THR A 71 28.20 -8.05 -8.75
C THR A 71 27.18 -9.16 -8.67
N THR A 72 26.83 -9.71 -9.84
CA THR A 72 25.75 -10.69 -9.93
C THR A 72 26.01 -11.63 -11.10
N ASP A 73 25.91 -12.93 -10.83
CA ASP A 73 25.96 -13.96 -11.85
C ASP A 73 24.56 -14.53 -12.01
N THR A 74 23.94 -14.25 -13.16
CA THR A 74 22.56 -14.66 -13.40
C THR A 74 22.47 -16.12 -13.80
N SER A 75 23.43 -16.60 -14.61
CA SER A 75 23.41 -18.00 -15.03
C SER A 75 23.50 -18.95 -13.86
N THR A 76 24.16 -18.54 -12.77
CA THR A 76 24.22 -19.30 -11.54
C THR A 76 23.35 -18.72 -10.43
N SER A 77 22.74 -17.56 -10.65
CA SER A 77 21.83 -16.91 -9.70
C SER A 77 22.49 -16.72 -8.34
N THR A 78 23.70 -16.16 -8.35
CA THR A 78 24.42 -15.86 -7.13
C THR A 78 24.84 -14.39 -7.12
N ALA A 79 24.91 -13.81 -5.93
CA ALA A 79 25.31 -12.42 -5.74
C ALA A 79 26.67 -12.35 -5.07
N TYR A 80 27.41 -11.27 -5.34
CA TYR A 80 28.73 -11.08 -4.76
C TYR A 80 28.86 -9.67 -4.24
N MET A 81 29.54 -9.53 -3.10
CA MET A 81 29.82 -8.24 -2.49
C MET A 81 31.31 -8.16 -2.17
N GLU A 82 31.92 -7.02 -2.46
CA GLU A 82 33.34 -6.80 -2.21
C GLU A 82 33.51 -5.53 -1.41
N LEU A 83 34.24 -5.62 -0.29
CA LEU A 83 34.56 -4.48 0.54
C LEU A 83 36.08 -4.34 0.61
N ARG A 84 36.60 -3.26 0.04
CA ARG A 84 38.02 -2.97 0.01
C ARG A 84 38.38 -1.97 1.11
N SER A 85 39.69 -1.82 1.33
CA SER A 85 40.22 -0.89 2.33
C SER A 85 39.58 -1.13 3.70
N LEU A 86 39.63 -2.38 4.15
CA LEU A 86 38.98 -2.76 5.38
C LEU A 86 39.61 -2.08 6.58
N ARG A 87 38.78 -1.59 7.48
CA ARG A 87 39.20 -1.02 8.75
C ARG A 87 38.63 -1.87 9.88
N SER A 88 39.13 -1.65 11.09
CA SER A 88 38.56 -2.32 12.26
C SER A 88 37.09 -1.96 12.44
N ASP A 89 36.65 -0.82 11.92
CA ASP A 89 35.24 -0.46 11.97
C ASP A 89 34.37 -1.48 11.24
N ASP A 90 34.93 -2.13 10.21
CA ASP A 90 34.15 -3.02 9.35
C ASP A 90 33.99 -4.43 9.93
N THR A 91 34.58 -4.72 11.08
CA THR A 91 34.35 -5.99 11.74
C THR A 91 32.87 -6.11 12.09
N ALA A 92 32.15 -7.02 11.43
CA ALA A 92 30.70 -7.09 11.60
C ALA A 92 30.18 -8.36 10.94
N VAL A 93 28.86 -8.54 11.00
CA VAL A 93 28.17 -9.63 10.32
C VAL A 93 27.45 -9.06 9.11
N TYR A 94 27.68 -9.68 7.95
CA TYR A 94 27.15 -9.21 6.69
C TYR A 94 26.03 -10.13 6.23
N TYR A 95 24.88 -9.54 5.91
CA TYR A 95 23.67 -10.25 5.53
C TYR A 95 23.32 -9.94 4.08
N CYS A 96 22.82 -10.94 3.38
CA CYS A 96 22.38 -10.83 1.99
C CYS A 96 20.88 -11.10 1.94
N ALA A 97 20.10 -10.10 1.54
CA ALA A 97 18.66 -10.19 1.52
C ALA A 97 18.13 -9.98 0.10
N ARG A 98 16.91 -10.46 -0.14
CA ARG A 98 16.23 -10.28 -1.41
C ARG A 98 14.99 -9.41 -1.23
N ASP A 99 14.59 -8.74 -2.30
CA ASP A 99 13.37 -7.95 -2.28
C ASP A 99 12.70 -8.05 -3.65
N LEU A 100 11.38 -7.86 -3.64
CA LEU A 100 10.64 -7.87 -4.91
C LEU A 100 10.99 -6.61 -5.69
N ARG A 101 12.07 -6.68 -6.47
CA ARG A 101 12.55 -5.56 -7.28
C ARG A 101 12.71 -4.28 -6.47
N GLY A 102 11.97 -3.23 -6.83
CA GLY A 102 12.10 -1.96 -6.17
C GLY A 102 11.35 -1.79 -4.88
N THR A 103 10.78 -2.86 -4.33
CA THR A 103 9.97 -2.72 -3.11
C THR A 103 10.82 -2.47 -1.87
N ASN A 104 12.01 -3.06 -1.81
CA ASN A 104 12.88 -2.99 -0.63
C ASN A 104 12.22 -3.63 0.58
N TYR A 105 11.33 -4.60 0.34
CA TYR A 105 10.72 -5.40 1.40
C TYR A 105 11.42 -6.75 1.43
N PHE A 106 12.27 -6.96 2.43
CA PHE A 106 13.18 -8.11 2.49
C PHE A 106 12.48 -9.27 3.16
N ASP A 107 11.92 -10.17 2.35
CA ASP A 107 11.18 -11.30 2.91
C ASP A 107 12.12 -12.42 3.38
N TYR A 108 13.03 -12.86 2.52
CA TYR A 108 13.93 -13.97 2.84
C TYR A 108 15.37 -13.49 2.87
N TRP A 109 16.12 -13.97 3.87
CA TRP A 109 17.49 -13.55 4.11
C TRP A 109 18.45 -14.73 4.01
N GLY A 110 19.75 -14.41 4.06
CA GLY A 110 20.78 -15.41 4.29
C GLY A 110 21.10 -15.52 5.77
N GLN A 111 21.92 -16.52 6.11
CA GLN A 111 22.27 -16.73 7.51
C GLN A 111 23.27 -15.72 8.03
N GLY A 112 23.93 -14.98 7.15
CA GLY A 112 24.89 -13.97 7.54
C GLY A 112 26.28 -14.53 7.78
N THR A 113 27.31 -13.84 7.30
CA THR A 113 28.68 -14.27 7.55
C THR A 113 29.36 -13.31 8.51
N LEU A 114 30.28 -13.85 9.31
CA LEU A 114 31.09 -13.04 10.21
C LEU A 114 32.37 -12.63 9.51
N VAL A 115 32.63 -11.33 9.43
CA VAL A 115 33.87 -10.80 8.88
C VAL A 115 34.60 -10.07 9.99
N THR A 116 35.82 -10.53 10.29
CA THR A 116 36.62 -10.00 11.39
C THR A 116 37.82 -9.26 10.81
N VAL A 117 37.99 -8.00 11.17
CA VAL A 117 39.08 -7.18 10.67
C VAL A 117 39.88 -6.68 11.87
N SER A 118 41.14 -7.11 11.97
CA SER A 118 42.01 -6.74 13.07
C SER A 118 43.43 -7.09 12.70
N SER A 119 44.38 -6.29 13.20
CA SER A 119 45.79 -6.53 12.95
C SER A 119 46.36 -7.69 13.76
N ALA A 120 45.51 -8.50 14.37
CA ALA A 120 45.96 -9.64 15.16
C ALA A 120 46.06 -10.88 14.28
N SER A 121 46.68 -11.92 14.84
CA SER A 121 46.86 -13.20 14.16
C SER A 121 46.16 -14.30 14.95
N THR A 122 45.99 -15.45 14.29
CA THR A 122 45.30 -16.57 14.90
C THR A 122 46.12 -17.12 16.07
N LYS A 123 45.54 -17.12 17.27
CA LYS A 123 46.19 -17.61 18.47
C LYS A 123 45.22 -18.48 19.25
N GLY A 124 45.68 -19.66 19.65
CA GLY A 124 44.88 -20.55 20.46
C GLY A 124 44.64 -20.00 21.84
N PRO A 125 43.52 -20.36 22.45
CA PRO A 125 43.17 -19.82 23.77
C PRO A 125 44.02 -20.42 24.87
N SER A 126 44.06 -19.70 26.00
CA SER A 126 44.69 -20.17 27.23
C SER A 126 43.60 -20.35 28.28
N VAL A 127 43.42 -21.58 28.75
CA VAL A 127 42.36 -21.92 29.68
C VAL A 127 42.92 -21.88 31.10
N PHE A 128 42.31 -21.08 31.96
CA PHE A 128 42.71 -21.02 33.35
C PHE A 128 41.54 -21.40 34.26
N PRO A 129 41.80 -22.10 35.35
CA PRO A 129 40.70 -22.53 36.22
C PRO A 129 40.19 -21.40 37.11
N LEU A 130 38.92 -21.54 37.50
CA LEU A 130 38.24 -20.65 38.44
C LEU A 130 37.68 -21.53 39.54
N ALA A 131 38.48 -21.76 40.59
CA ALA A 131 38.21 -22.75 41.61
C ALA A 131 37.28 -22.20 42.69
N PRO A 132 36.49 -23.07 43.33
CA PRO A 132 35.61 -22.68 44.44
C PRO A 132 36.35 -22.06 45.63
N GLY A 140 26.86 -23.95 51.31
CA GLY A 140 25.64 -24.48 50.72
C GLY A 140 25.75 -24.75 49.23
N THR A 141 26.07 -23.71 48.46
CA THR A 141 26.19 -23.79 47.01
C THR A 141 27.60 -23.38 46.59
N ALA A 142 28.12 -24.05 45.58
CA ALA A 142 29.46 -23.74 45.06
C ALA A 142 29.36 -23.22 43.63
N ALA A 143 30.37 -22.45 43.24
CA ALA A 143 30.46 -21.91 41.89
C ALA A 143 31.88 -22.10 41.38
N LEU A 144 32.02 -22.64 40.16
CA LEU A 144 33.33 -22.85 39.57
C LEU A 144 33.25 -22.57 38.08
N GLY A 145 34.38 -22.23 37.47
CA GLY A 145 34.34 -21.87 36.07
C GLY A 145 35.67 -21.99 35.37
N CYS A 146 35.66 -21.62 34.10
CA CYS A 146 36.83 -21.61 33.22
C CYS A 146 36.98 -20.23 32.61
N LEU A 147 38.22 -19.75 32.58
CA LEU A 147 38.57 -18.46 31.97
C LEU A 147 39.35 -18.73 30.70
N VAL A 148 38.71 -18.53 29.55
CA VAL A 148 39.32 -18.73 28.24
C VAL A 148 39.86 -17.38 27.80
N LYS A 149 41.18 -17.21 27.85
CA LYS A 149 41.81 -15.91 27.69
C LYS A 149 42.73 -15.88 26.47
N ASP A 150 42.71 -14.75 25.76
CA ASP A 150 43.64 -14.44 24.68
C ASP A 150 43.56 -15.42 23.53
N TYR A 151 42.50 -15.32 22.72
CA TYR A 151 42.36 -16.13 21.52
C TYR A 151 41.83 -15.27 20.38
N PHE A 152 42.05 -15.74 19.16
CA PHE A 152 41.65 -15.01 17.97
C PHE A 152 41.68 -15.93 16.76
N PRO A 153 40.63 -15.86 15.91
CA PRO A 153 39.45 -15.03 16.11
C PRO A 153 38.33 -15.78 16.83
N GLU A 154 37.18 -15.13 16.97
CA GLU A 154 36.00 -15.79 17.54
C GLU A 154 35.49 -16.84 16.55
N PRO A 155 34.80 -17.87 17.04
CA PRO A 155 34.41 -18.08 18.44
C PRO A 155 35.17 -19.21 19.15
N VAL A 156 34.67 -19.57 20.33
CA VAL A 156 35.10 -20.76 21.05
C VAL A 156 33.84 -21.42 21.60
N THR A 157 33.79 -22.75 21.51
CA THR A 157 32.69 -23.52 22.10
C THR A 157 33.17 -24.13 23.40
N VAL A 158 32.40 -23.93 24.47
CA VAL A 158 32.78 -24.34 25.81
C VAL A 158 31.67 -25.20 26.39
N SER A 159 31.94 -26.48 26.60
CA SER A 159 31.01 -27.39 27.25
C SER A 159 31.56 -27.77 28.62
N TRP A 160 30.78 -28.59 29.34
CA TRP A 160 31.17 -29.03 30.67
C TRP A 160 30.93 -30.52 30.80
N ASN A 161 31.95 -31.24 31.29
CA ASN A 161 31.87 -32.69 31.49
C ASN A 161 31.47 -33.40 30.19
N SER A 162 32.07 -32.96 29.08
CA SER A 162 31.79 -33.51 27.77
C SER A 162 30.31 -33.38 27.42
N GLY A 163 29.71 -32.26 27.81
CA GLY A 163 28.30 -32.01 27.55
C GLY A 163 27.34 -32.66 28.52
N ALA A 164 27.83 -33.27 29.59
CA ALA A 164 26.95 -33.94 30.55
C ALA A 164 26.34 -32.99 31.57
N LEU A 165 26.95 -31.81 31.77
CA LEU A 165 26.46 -30.83 32.74
C LEU A 165 25.96 -29.61 31.98
N THR A 166 24.63 -29.43 31.95
CA THR A 166 24.02 -28.29 31.28
C THR A 166 23.31 -27.35 32.22
N SER A 167 22.73 -27.85 33.31
CA SER A 167 21.97 -27.02 34.22
C SER A 167 22.90 -26.09 34.99
N GLY A 168 22.46 -24.84 35.18
CA GLY A 168 23.22 -23.87 35.94
C GLY A 168 24.47 -23.36 35.28
N VAL A 169 24.71 -23.68 34.01
CA VAL A 169 25.88 -23.22 33.29
C VAL A 169 25.57 -21.88 32.65
N HIS A 170 26.56 -20.98 32.70
CA HIS A 170 26.48 -19.67 32.05
C HIS A 170 27.79 -19.42 31.32
N THR A 171 27.77 -19.51 30.00
CA THR A 171 28.91 -19.13 29.18
C THR A 171 28.73 -17.68 28.74
N PHE A 172 29.68 -16.81 29.11
CA PHE A 172 29.49 -15.40 28.83
C PHE A 172 30.02 -15.04 27.45
N PRO A 173 29.43 -14.03 26.80
CA PRO A 173 29.97 -13.56 25.53
C PRO A 173 31.37 -12.99 25.72
N ALA A 174 32.23 -13.21 24.73
CA ALA A 174 33.61 -12.77 24.84
C ALA A 174 33.68 -11.24 24.82
N VAL A 175 34.78 -10.72 25.35
CA VAL A 175 35.06 -9.29 25.38
C VAL A 175 36.40 -9.05 24.68
N LEU A 176 36.44 -8.07 23.80
CA LEU A 176 37.64 -7.74 23.05
C LEU A 176 38.58 -6.95 23.95
N GLN A 177 39.76 -7.51 24.23
CA GLN A 177 40.73 -6.88 25.10
C GLN A 177 41.50 -5.79 24.37
N SER A 178 42.21 -4.97 25.14
CA SER A 178 43.00 -3.88 24.58
C SER A 178 44.15 -4.35 23.71
N SER A 179 44.39 -5.67 23.65
CA SER A 179 45.44 -6.23 22.81
C SER A 179 44.93 -6.77 21.49
N GLY A 180 43.62 -6.89 21.33
CA GLY A 180 43.06 -7.49 20.13
C GLY A 180 42.75 -8.96 20.24
N LEU A 181 42.81 -9.53 21.45
CA LEU A 181 42.55 -10.94 21.68
C LEU A 181 41.32 -11.09 22.57
N TYR A 182 40.37 -11.91 22.12
CA TYR A 182 39.15 -12.11 22.87
C TYR A 182 39.43 -12.90 24.15
N SER A 183 38.43 -12.91 25.05
CA SER A 183 38.53 -13.57 26.34
C SER A 183 37.17 -13.69 27.00
N LEU A 184 36.67 -14.90 27.18
CA LEU A 184 35.38 -15.11 27.84
C LEU A 184 35.56 -15.98 29.06
N SER A 185 34.46 -16.13 29.81
CA SER A 185 34.44 -16.93 31.02
C SER A 185 33.16 -17.75 31.02
N SER A 186 33.26 -19.03 31.36
CA SER A 186 32.11 -19.92 31.42
C SER A 186 32.05 -20.55 32.80
N VAL A 187 30.98 -20.29 33.53
CA VAL A 187 30.87 -20.70 34.92
C VAL A 187 29.68 -21.62 35.10
N VAL A 188 29.58 -22.21 36.28
CA VAL A 188 28.52 -23.14 36.62
C VAL A 188 28.42 -23.22 38.13
N THR A 189 27.20 -23.36 38.64
CA THR A 189 26.96 -23.56 40.06
C THR A 189 26.62 -25.03 40.30
N VAL A 190 27.26 -25.61 41.32
CA VAL A 190 27.09 -27.02 41.64
C VAL A 190 26.87 -27.15 43.15
N PRO A 191 26.20 -28.18 43.63
CA PRO A 191 26.07 -28.35 45.09
C PRO A 191 27.43 -28.58 45.74
N SER A 192 27.71 -27.81 46.78
CA SER A 192 29.03 -27.86 47.42
C SER A 192 29.30 -29.21 48.06
N SER A 193 28.28 -30.03 48.27
CA SER A 193 28.45 -31.37 48.84
C SER A 193 28.92 -32.40 47.81
N SER A 194 29.19 -31.98 46.57
CA SER A 194 29.65 -32.89 45.53
C SER A 194 31.05 -32.55 45.03
N LEU A 195 31.69 -31.51 45.58
CA LEU A 195 33.01 -31.11 45.12
C LEU A 195 34.08 -32.17 45.38
N GLY A 196 33.79 -33.17 46.19
CA GLY A 196 34.76 -34.20 46.49
C GLY A 196 34.44 -35.54 45.85
N THR A 197 33.22 -35.67 45.31
CA THR A 197 32.78 -36.89 44.67
C THR A 197 32.45 -36.72 43.20
N GLN A 198 32.54 -35.50 42.66
CA GLN A 198 32.25 -35.24 41.26
C GLN A 198 33.31 -34.31 40.69
N THR A 199 34.07 -34.79 39.72
CA THR A 199 35.05 -33.95 39.04
C THR A 199 34.37 -33.12 37.96
N TYR A 200 34.75 -31.85 37.87
CA TYR A 200 34.17 -30.92 36.92
C TYR A 200 35.24 -30.49 35.91
N ILE A 201 35.01 -30.83 34.65
CA ILE A 201 35.93 -30.52 33.55
C ILE A 201 35.21 -29.66 32.53
N CYS A 202 35.90 -28.63 32.03
CA CYS A 202 35.35 -27.81 30.96
C CYS A 202 36.11 -28.11 29.67
N ASN A 203 35.36 -28.19 28.57
CA ASN A 203 35.89 -28.52 27.26
C ASN A 203 35.88 -27.27 26.40
N VAL A 204 37.06 -26.72 26.14
CA VAL A 204 37.23 -25.52 25.32
C VAL A 204 37.72 -25.97 23.95
N ASN A 205 36.90 -25.71 22.93
CA ASN A 205 37.25 -26.01 21.54
C ASN A 205 37.31 -24.70 20.77
N HIS A 206 38.48 -24.42 20.18
CA HIS A 206 38.69 -23.27 19.32
C HIS A 206 39.04 -23.79 17.93
N LYS A 207 38.01 -23.91 17.08
CA LYS A 207 38.20 -24.48 15.76
C LYS A 207 39.16 -23.70 14.87
N PRO A 208 39.18 -22.35 14.87
CA PRO A 208 40.11 -21.65 13.97
C PRO A 208 41.56 -22.05 14.16
N SER A 209 41.97 -22.40 15.39
CA SER A 209 43.33 -22.85 15.65
C SER A 209 43.41 -24.35 15.86
N ASN A 210 42.30 -25.08 15.65
CA ASN A 210 42.23 -26.51 15.92
C ASN A 210 42.75 -26.83 17.32
N THR A 211 42.21 -26.12 18.30
CA THR A 211 42.67 -26.18 19.69
C THR A 211 41.56 -26.77 20.55
N LYS A 212 41.58 -28.09 20.71
CA LYS A 212 40.67 -28.77 21.62
C LYS A 212 41.41 -29.05 22.93
N VAL A 213 40.81 -28.60 24.04
CA VAL A 213 41.46 -28.63 25.35
C VAL A 213 40.42 -29.03 26.39
N ASP A 214 40.77 -29.99 27.24
CA ASP A 214 39.94 -30.40 28.38
C ASP A 214 40.66 -30.00 29.67
N LYS A 215 40.06 -29.10 30.44
CA LYS A 215 40.68 -28.56 31.64
C LYS A 215 39.90 -28.96 32.88
N ARG A 216 40.61 -29.48 33.88
CA ARG A 216 40.01 -29.91 35.14
C ARG A 216 39.94 -28.74 36.11
N VAL A 217 38.79 -28.58 36.75
CA VAL A 217 38.57 -27.52 37.73
C VAL A 217 38.39 -28.20 39.09
N GLU A 218 39.34 -27.98 39.99
CA GLU A 218 39.29 -28.54 41.33
C GLU A 218 39.53 -27.44 42.34
N PRO A 219 39.03 -27.59 43.57
CA PRO A 219 39.24 -26.55 44.58
C PRO A 219 40.71 -26.39 44.93
N LYS A 220 41.04 -25.22 45.47
CA LYS A 220 42.43 -24.88 45.78
C LYS A 220 43.00 -25.79 46.86
N SER A 221 44.29 -25.61 47.16
CA SER A 221 45.02 -26.56 47.99
C SER A 221 44.46 -26.60 49.41
N CYS A 222 44.40 -25.45 50.08
CA CYS A 222 44.06 -25.37 51.50
C CYS A 222 42.64 -25.85 51.84
N ASP B 1 20.50 11.70 3.42
CA ASP B 1 20.02 10.59 4.22
C ASP B 1 18.75 10.97 4.99
N ILE B 2 17.91 9.98 5.27
CA ILE B 2 16.64 10.19 5.96
C ILE B 2 16.64 9.33 7.23
N GLN B 3 16.34 9.96 8.36
CA GLN B 3 16.57 9.38 9.68
C GLN B 3 15.29 8.81 10.29
N MET B 4 15.40 7.61 10.84
CA MET B 4 14.33 6.94 11.57
C MET B 4 14.58 7.02 13.06
N THR B 5 13.51 7.19 13.84
CA THR B 5 13.62 7.33 15.29
C THR B 5 12.60 6.41 15.97
N GLN B 6 13.09 5.34 16.58
CA GLN B 6 12.26 4.42 17.34
C GLN B 6 12.13 4.87 18.79
N SER B 7 11.02 4.49 19.40
CA SER B 7 10.76 4.81 20.80
C SER B 7 9.78 3.80 21.40
N PRO B 8 10.13 3.24 22.57
CA PRO B 8 11.35 3.53 23.32
C PRO B 8 12.53 2.69 22.86
N SER B 9 13.73 3.00 23.36
CA SER B 9 14.90 2.20 22.99
C SER B 9 14.86 0.84 23.65
N SER B 10 14.30 0.74 24.85
CA SER B 10 14.14 -0.54 25.54
C SER B 10 12.96 -0.42 26.50
N VAL B 11 12.16 -1.49 26.57
CA VAL B 11 10.99 -1.50 27.44
C VAL B 11 10.74 -2.95 27.87
N SER B 12 10.16 -3.10 29.06
CA SER B 12 9.93 -4.41 29.65
C SER B 12 8.44 -4.59 29.94
N ALA B 13 7.93 -5.77 29.61
CA ALA B 13 6.51 -6.06 29.78
C ALA B 13 6.35 -7.51 30.21
N SER B 14 5.21 -7.79 30.81
CA SER B 14 4.86 -9.15 31.20
C SER B 14 4.10 -9.84 30.07
N VAL B 15 3.92 -11.16 30.22
CA VAL B 15 3.19 -11.92 29.22
C VAL B 15 1.71 -11.59 29.33
N GLY B 16 1.11 -11.18 28.21
CA GLY B 16 -0.29 -10.79 28.18
C GLY B 16 -0.54 -9.31 28.14
N ASP B 17 0.52 -8.49 28.04
CA ASP B 17 0.39 -7.05 27.96
C ASP B 17 0.42 -6.58 26.52
N ARG B 18 -0.01 -5.34 26.31
CA ARG B 18 0.11 -4.67 25.03
C ARG B 18 1.38 -3.83 25.03
N VAL B 19 2.18 -3.96 23.99
CA VAL B 19 3.39 -3.16 23.82
C VAL B 19 3.35 -2.47 22.47
N THR B 20 3.71 -1.19 22.44
CA THR B 20 3.68 -0.39 21.22
C THR B 20 5.02 0.31 21.03
N ILE B 21 5.57 0.19 19.82
CA ILE B 21 6.83 0.82 19.44
C ILE B 21 6.51 1.85 18.37
N THR B 22 6.91 3.10 18.62
CA THR B 22 6.65 4.19 17.69
C THR B 22 7.88 4.48 16.84
N CYS B 23 7.66 4.77 15.57
CA CYS B 23 8.71 5.11 14.64
C CYS B 23 8.39 6.47 14.01
N ARG B 24 9.38 7.35 13.98
CA ARG B 24 9.24 8.70 13.45
C ARG B 24 10.18 8.85 12.26
N ALA B 25 9.62 9.25 11.12
CA ALA B 25 10.38 9.40 9.88
C ALA B 25 10.80 10.85 9.70
N SER B 26 12.03 11.05 9.22
CA SER B 26 12.54 12.39 8.98
C SER B 26 11.70 13.10 7.93
N GLN B 27 11.40 12.42 6.84
CA GLN B 27 10.57 12.93 5.75
C GLN B 27 9.36 12.02 5.58
N GLY B 28 8.37 12.52 4.86
CA GLY B 28 7.20 11.72 4.56
C GLY B 28 7.57 10.53 3.69
N ILE B 29 7.36 9.31 4.20
CA ILE B 29 7.66 8.10 3.47
C ILE B 29 6.39 7.40 3.00
N SER B 30 5.23 8.04 3.18
CA SER B 30 3.92 7.47 2.85
C SER B 30 3.73 6.21 3.68
N ASN B 31 3.54 5.03 3.07
CA ASN B 31 3.42 3.78 3.81
C ASN B 31 4.53 2.82 3.46
N TRP B 32 5.68 3.36 3.03
CA TRP B 32 6.85 2.54 2.70
C TRP B 32 7.66 2.32 3.97
N LEU B 33 7.16 1.43 4.82
CA LEU B 33 7.79 1.14 6.10
C LEU B 33 7.57 -0.31 6.45
N ALA B 34 8.61 -0.95 7.00
CA ALA B 34 8.55 -2.34 7.43
C ALA B 34 9.03 -2.44 8.86
N TRP B 35 8.54 -3.45 9.57
CA TRP B 35 8.97 -3.79 10.91
C TRP B 35 9.66 -5.15 10.91
N PHE B 36 10.72 -5.27 11.68
CA PHE B 36 11.50 -6.50 11.75
C PHE B 36 11.60 -6.99 13.19
N GLN B 37 11.55 -8.31 13.35
CA GLN B 37 11.83 -8.98 14.62
C GLN B 37 13.19 -9.63 14.49
N HIS B 38 14.10 -9.30 15.41
CA HIS B 38 15.46 -9.82 15.36
C HIS B 38 15.77 -10.52 16.66
N LYS B 39 16.12 -11.79 16.57
CA LYS B 39 16.54 -12.65 17.67
C LYS B 39 18.00 -13.05 17.49
N PRO B 40 18.72 -13.31 18.59
CA PRO B 40 20.15 -13.60 18.46
C PRO B 40 20.40 -14.88 17.69
N GLY B 41 21.44 -14.85 16.85
CA GLY B 41 21.89 -16.01 16.13
C GLY B 41 21.21 -16.25 14.81
N LYS B 42 20.20 -15.47 14.45
CA LYS B 42 19.48 -15.66 13.21
C LYS B 42 19.29 -14.32 12.52
N ALA B 43 18.91 -14.38 11.25
CA ALA B 43 18.68 -13.19 10.47
C ALA B 43 17.41 -12.49 10.94
N PRO B 44 17.28 -11.19 10.64
CA PRO B 44 16.02 -10.49 10.95
C PRO B 44 14.85 -11.11 10.22
N LYS B 45 13.71 -11.16 10.90
CA LYS B 45 12.48 -11.74 10.39
C LYS B 45 11.53 -10.61 10.01
N LEU B 46 11.14 -10.56 8.74
CA LEU B 46 10.17 -9.56 8.30
C LEU B 46 8.79 -9.93 8.83
N LEU B 47 8.18 -9.00 9.57
CA LEU B 47 6.86 -9.20 10.15
C LEU B 47 5.77 -8.43 9.40
N ILE B 48 5.97 -7.13 9.20
CA ILE B 48 4.97 -6.26 8.61
C ILE B 48 5.63 -5.39 7.55
N TYR B 49 5.03 -5.35 6.37
CA TYR B 49 5.46 -4.48 5.29
C TYR B 49 4.33 -3.53 4.95
N ALA B 50 4.64 -2.49 4.16
CA ALA B 50 3.66 -1.48 3.76
C ALA B 50 2.93 -0.91 4.96
N ALA B 51 3.69 -0.62 6.02
CA ALA B 51 3.21 0.02 7.25
C ALA B 51 2.25 -0.85 8.05
N SER B 52 1.38 -1.61 7.38
CA SER B 52 0.36 -2.35 8.11
C SER B 52 0.00 -3.70 7.49
N SER B 53 0.74 -4.19 6.50
CA SER B 53 0.43 -5.47 5.88
C SER B 53 1.24 -6.56 6.54
N LEU B 54 0.55 -7.57 7.09
CA LEU B 54 1.21 -8.66 7.79
C LEU B 54 1.65 -9.73 6.81
N LEU B 55 2.81 -10.31 7.09
CA LEU B 55 3.34 -11.41 6.29
C LEU B 55 2.65 -12.71 6.69
N SER B 56 2.56 -13.63 5.73
CA SER B 56 1.91 -14.91 5.99
C SER B 56 2.66 -15.69 7.06
N GLY B 57 1.93 -16.14 8.07
CA GLY B 57 2.51 -16.83 9.20
C GLY B 57 2.65 -15.98 10.44
N VAL B 58 2.68 -14.66 10.29
CA VAL B 58 2.77 -13.77 11.46
C VAL B 58 1.46 -13.83 12.24
N PRO B 59 1.50 -14.00 13.57
CA PRO B 59 0.26 -14.07 14.33
C PRO B 59 -0.55 -12.78 14.23
N SER B 60 -1.85 -12.92 14.53
CA SER B 60 -2.77 -11.78 14.49
C SER B 60 -2.42 -10.70 15.50
N ARG B 61 -1.73 -11.04 16.59
CA ARG B 61 -1.49 -10.05 17.65
C ARG B 61 -0.58 -8.92 17.20
N PHE B 62 0.18 -9.11 16.11
CA PHE B 62 1.01 -8.04 15.57
C PHE B 62 0.17 -7.15 14.67
N SER B 63 0.31 -5.84 14.84
CA SER B 63 -0.52 -4.87 14.14
C SER B 63 0.33 -3.66 13.77
N GLY B 64 0.10 -3.14 12.57
CA GLY B 64 0.84 -2.00 12.07
C GLY B 64 -0.08 -0.81 11.83
N SER B 65 0.46 0.38 12.05
CA SER B 65 -0.33 1.60 11.93
C SER B 65 0.59 2.76 11.56
N GLY B 66 -0.03 3.87 11.18
CA GLY B 66 0.70 5.07 10.86
C GLY B 66 0.78 5.31 9.35
N SER B 67 1.07 6.56 9.00
CA SER B 67 1.19 6.94 7.60
C SER B 67 1.84 8.31 7.46
N GLY B 68 2.83 8.42 6.58
CA GLY B 68 3.52 9.67 6.36
C GLY B 68 4.83 9.77 7.12
N THR B 69 4.76 10.14 8.40
CA THR B 69 5.94 10.24 9.24
C THR B 69 5.79 9.59 10.61
N ASP B 70 4.58 9.19 11.00
CA ASP B 70 4.35 8.55 12.30
C ASP B 70 3.85 7.14 12.07
N PHE B 71 4.51 6.17 12.71
CA PHE B 71 4.19 4.76 12.53
C PHE B 71 4.21 4.07 13.89
N THR B 72 3.49 2.95 13.96
CA THR B 72 3.27 2.27 15.23
C THR B 72 3.22 0.77 15.02
N LEU B 73 3.95 0.04 15.83
CA LEU B 73 3.85 -1.42 15.90
C LEU B 73 3.23 -1.80 17.23
N THR B 74 2.24 -2.70 17.21
CA THR B 74 1.48 -3.05 18.39
C THR B 74 1.39 -4.56 18.54
N ILE B 75 1.73 -5.05 19.73
CA ILE B 75 1.49 -6.44 20.11
C ILE B 75 0.45 -6.43 21.22
N SER B 76 -0.68 -7.09 20.98
CA SER B 76 -1.85 -6.96 21.85
C SER B 76 -1.69 -7.76 23.14
N SER B 77 -1.49 -9.08 23.02
CA SER B 77 -1.21 -9.94 24.17
C SER B 77 0.12 -10.64 23.90
N LEU B 78 1.16 -10.21 24.62
CA LEU B 78 2.49 -10.74 24.40
C LEU B 78 2.55 -12.23 24.73
N GLN B 79 3.47 -12.92 24.06
CA GLN B 79 3.79 -14.32 24.32
C GLN B 79 5.29 -14.45 24.43
N PRO B 80 5.79 -15.51 25.08
CA PRO B 80 7.24 -15.63 25.26
C PRO B 80 8.03 -15.60 23.97
N GLU B 81 7.48 -16.18 22.90
CA GLU B 81 8.15 -16.21 21.61
C GLU B 81 8.28 -14.84 20.96
N ASP B 82 7.76 -13.77 21.58
CA ASP B 82 7.73 -12.46 20.97
C ASP B 82 8.76 -11.48 21.52
N PHE B 83 9.51 -11.86 22.56
CA PHE B 83 10.49 -10.97 23.16
C PHE B 83 11.77 -11.01 22.32
N ALA B 84 12.09 -9.89 21.68
CA ALA B 84 13.25 -9.81 20.80
C ALA B 84 13.60 -8.33 20.63
N THR B 85 14.45 -8.04 19.65
CA THR B 85 14.82 -6.68 19.31
C THR B 85 14.14 -6.32 17.99
N TYR B 86 13.24 -5.35 18.02
CA TYR B 86 12.46 -4.98 16.86
C TYR B 86 13.04 -3.74 16.19
N TYR B 87 13.06 -3.75 14.85
CA TYR B 87 13.67 -2.70 14.04
C TYR B 87 12.64 -2.07 13.12
N CYS B 88 12.84 -0.79 12.82
CA CYS B 88 11.97 -0.01 11.95
C CYS B 88 12.76 0.37 10.70
N GLN B 89 12.31 -0.11 9.54
CA GLN B 89 12.98 0.16 8.27
C GLN B 89 12.07 0.96 7.34
N GLN B 90 12.69 1.79 6.50
CA GLN B 90 11.99 2.47 5.43
C GLN B 90 12.23 1.74 4.10
N ALA B 91 11.33 1.98 3.16
CA ALA B 91 11.46 1.45 1.81
C ALA B 91 11.19 2.52 0.77
N ASN B 92 11.31 3.79 1.16
CA ASN B 92 10.85 4.91 0.35
C ASN B 92 11.95 5.48 -0.54
N SER B 93 13.17 5.60 -0.02
CA SER B 93 14.24 6.25 -0.77
C SER B 93 15.58 5.66 -0.40
N PHE B 94 16.57 5.92 -1.25
CA PHE B 94 17.95 5.59 -0.94
C PHE B 94 18.63 6.83 -0.37
N PRO B 95 19.50 6.66 0.65
CA PRO B 95 19.88 5.37 1.23
C PRO B 95 18.82 4.79 2.17
N ILE B 96 18.66 3.47 2.11
CA ILE B 96 17.73 2.78 3.00
C ILE B 96 18.24 2.88 4.43
N THR B 97 17.35 3.22 5.35
CA THR B 97 17.74 3.46 6.74
C THR B 97 16.82 2.69 7.69
N PHE B 98 17.43 2.14 8.74
CA PHE B 98 16.71 1.44 9.79
C PHE B 98 16.59 2.32 11.02
N GLY B 99 15.94 1.79 12.05
CA GLY B 99 15.92 2.43 13.35
C GLY B 99 17.04 1.92 14.25
N GLN B 100 17.10 2.49 15.45
CA GLN B 100 18.11 2.07 16.42
C GLN B 100 17.71 0.81 17.17
N GLY B 101 16.55 0.24 16.89
CA GLY B 101 16.10 -0.97 17.54
C GLY B 101 15.34 -0.70 18.83
N THR B 102 14.66 -1.74 19.31
CA THR B 102 13.94 -1.70 20.57
C THR B 102 14.03 -3.07 21.22
N ARG B 103 14.68 -3.14 22.38
CA ARG B 103 14.78 -4.39 23.11
C ARG B 103 13.52 -4.61 23.94
N LEU B 104 12.90 -5.77 23.76
CA LEU B 104 11.74 -6.17 24.54
C LEU B 104 12.16 -7.27 25.51
N GLU B 105 11.84 -7.09 26.79
CA GLU B 105 12.33 -7.93 27.87
C GLU B 105 11.18 -8.33 28.79
N ILE B 106 11.24 -9.56 29.31
CA ILE B 106 10.18 -10.09 30.17
C ILE B 106 10.32 -9.49 31.56
N LYS B 107 9.19 -9.12 32.15
CA LYS B 107 9.15 -8.59 33.50
C LYS B 107 8.82 -9.70 34.48
N ARG B 108 9.64 -9.82 35.52
CA ARG B 108 9.42 -10.79 36.59
C ARG B 108 9.63 -10.10 37.93
N THR B 109 9.50 -10.87 39.01
CA THR B 109 9.75 -10.35 40.35
C THR B 109 11.24 -10.07 40.52
N VAL B 110 11.55 -9.01 41.28
CA VAL B 110 12.95 -8.68 41.56
C VAL B 110 13.62 -9.86 42.24
N ALA B 111 14.88 -10.13 41.87
CA ALA B 111 15.63 -11.25 42.40
C ALA B 111 17.05 -10.78 42.71
N ALA B 112 17.47 -10.92 43.96
CA ALA B 112 18.79 -10.46 44.36
C ALA B 112 19.87 -11.35 43.73
N PRO B 113 21.00 -10.78 43.32
CA PRO B 113 22.06 -11.59 42.72
C PRO B 113 22.79 -12.43 43.75
N SER B 114 23.46 -13.47 43.26
CA SER B 114 24.37 -14.28 44.07
C SER B 114 25.79 -13.91 43.67
N VAL B 115 26.52 -13.27 44.58
CA VAL B 115 27.82 -12.66 44.28
C VAL B 115 28.92 -13.64 44.65
N PHE B 116 29.80 -13.94 43.69
CA PHE B 116 30.97 -14.77 43.89
C PHE B 116 32.20 -14.00 43.43
N ILE B 117 33.38 -14.45 43.89
CA ILE B 117 34.64 -13.83 43.49
C ILE B 117 35.70 -14.93 43.35
N PHE B 118 36.44 -14.88 42.26
CA PHE B 118 37.46 -15.88 41.94
C PHE B 118 38.82 -15.21 41.80
N PRO B 119 39.80 -15.64 42.58
CA PRO B 119 41.15 -15.06 42.49
C PRO B 119 41.91 -15.64 41.32
N PRO B 120 43.02 -15.03 40.92
CA PRO B 120 43.75 -15.54 39.76
C PRO B 120 44.47 -16.85 40.08
N SER B 121 44.36 -17.79 39.16
CA SER B 121 45.08 -19.05 39.29
C SER B 121 46.58 -18.82 39.21
N ASP B 122 47.34 -19.73 39.83
CA ASP B 122 48.79 -19.58 39.85
C ASP B 122 49.42 -19.78 38.48
N GLU B 123 48.72 -20.46 37.56
CA GLU B 123 49.27 -20.66 36.22
C GLU B 123 49.51 -19.34 35.52
N GLN B 124 48.47 -18.51 35.39
CA GLN B 124 48.63 -17.25 34.68
C GLN B 124 49.52 -16.28 35.45
N LEU B 125 49.43 -16.29 36.78
CA LEU B 125 50.26 -15.39 37.56
C LEU B 125 51.75 -15.76 37.45
N LYS B 126 52.04 -17.04 37.23
CA LYS B 126 53.41 -17.47 36.92
C LYS B 126 53.81 -17.14 35.49
N SER B 127 52.96 -16.43 34.75
CA SER B 127 53.25 -16.05 33.37
C SER B 127 53.33 -14.54 33.15
N GLY B 128 52.92 -13.73 34.12
CA GLY B 128 53.07 -12.29 34.00
C GLY B 128 51.84 -11.48 34.32
N THR B 129 50.66 -12.02 34.01
CA THR B 129 49.41 -11.31 34.19
C THR B 129 48.48 -12.11 35.09
N ALA B 130 47.68 -11.38 35.87
CA ALA B 130 46.71 -11.99 36.78
C ALA B 130 45.37 -11.29 36.61
N SER B 131 44.30 -12.07 36.49
CA SER B 131 42.96 -11.53 36.30
C SER B 131 42.04 -12.10 37.37
N VAL B 132 41.53 -11.23 38.23
CA VAL B 132 40.51 -11.56 39.22
C VAL B 132 39.14 -11.41 38.58
N VAL B 133 38.20 -12.30 38.90
CA VAL B 133 36.87 -12.17 38.31
C VAL B 133 35.82 -12.08 39.42
N CYS B 134 34.73 -11.38 39.13
CA CYS B 134 33.58 -11.26 40.01
C CYS B 134 32.33 -11.68 39.25
N LEU B 135 31.42 -12.36 39.95
CA LEU B 135 30.26 -12.98 39.33
C LEU B 135 29.00 -12.56 40.06
N LEU B 136 27.96 -12.21 39.28
CA LEU B 136 26.63 -11.91 39.79
C LEU B 136 25.68 -12.88 39.11
N ASN B 137 25.12 -13.80 39.89
CA ASN B 137 24.39 -14.95 39.34
C ASN B 137 22.90 -14.80 39.56
N ASN B 138 22.14 -14.94 38.48
CA ASN B 138 20.68 -15.10 38.49
C ASN B 138 20.00 -13.97 39.26
N PHE B 139 19.94 -12.80 38.61
CA PHE B 139 19.33 -11.63 39.19
C PHE B 139 18.42 -10.95 38.19
N TYR B 140 17.60 -10.03 38.70
CA TYR B 140 16.70 -9.23 37.88
C TYR B 140 16.23 -8.00 38.68
N PRO B 141 16.24 -6.82 38.04
CA PRO B 141 16.65 -6.57 36.66
C PRO B 141 18.16 -6.42 36.51
N ARG B 142 18.59 -5.86 35.38
CA ARG B 142 20.02 -5.66 35.11
C ARG B 142 20.53 -4.35 35.70
N GLU B 143 19.96 -3.89 36.81
CA GLU B 143 20.42 -2.65 37.43
C GLU B 143 21.66 -2.92 38.28
N ALA B 144 22.65 -3.58 37.71
CA ALA B 144 23.85 -3.97 38.44
C ALA B 144 24.90 -2.87 38.37
N LYS B 145 25.58 -2.65 39.49
CA LYS B 145 26.68 -1.69 39.59
C LYS B 145 27.83 -2.38 40.33
N VAL B 146 28.86 -2.79 39.60
CA VAL B 146 30.00 -3.52 40.16
C VAL B 146 31.22 -2.62 40.11
N GLN B 147 31.88 -2.45 41.25
CA GLN B 147 33.11 -1.67 41.31
C GLN B 147 34.16 -2.40 42.13
N TRP B 148 35.39 -2.38 41.62
CA TRP B 148 36.51 -3.07 42.24
C TRP B 148 37.21 -2.18 43.26
N LYS B 149 37.64 -2.77 44.36
CA LYS B 149 38.37 -2.07 45.40
C LYS B 149 39.57 -2.90 45.81
N VAL B 150 40.76 -2.30 45.79
CA VAL B 150 41.98 -2.95 46.27
C VAL B 150 42.47 -2.16 47.48
N ASP B 151 42.69 -2.87 48.59
CA ASP B 151 43.07 -2.25 49.86
C ASP B 151 42.12 -1.09 50.21
N ASN B 152 40.82 -1.31 49.97
CA ASN B 152 39.79 -0.30 50.23
C ASN B 152 40.03 0.97 49.42
N ALA B 153 40.21 0.80 48.11
CA ALA B 153 40.43 1.91 47.20
C ALA B 153 39.87 1.55 45.83
N LEU B 154 39.05 2.44 45.28
CA LEU B 154 38.32 2.16 44.04
C LEU B 154 39.26 1.95 42.87
N GLN B 155 38.74 1.33 41.81
CA GLN B 155 39.49 1.04 40.60
C GLN B 155 38.75 1.59 39.39
N SER B 156 39.52 1.88 38.34
CA SER B 156 38.94 2.41 37.11
C SER B 156 39.91 2.17 35.96
N GLY B 157 39.36 1.87 34.78
CA GLY B 157 40.15 1.71 33.59
C GLY B 157 40.72 0.32 33.38
N ASN B 158 40.35 -0.65 34.21
CA ASN B 158 40.88 -2.00 34.09
C ASN B 158 39.82 -3.07 34.22
N SER B 159 38.55 -2.72 34.43
CA SER B 159 37.48 -3.68 34.55
C SER B 159 36.74 -3.78 33.23
N GLN B 160 36.43 -5.01 32.82
CA GLN B 160 35.61 -5.25 31.65
C GLN B 160 34.47 -6.19 32.03
N GLU B 161 33.24 -5.80 31.70
CA GLU B 161 32.04 -6.52 32.10
C GLU B 161 31.45 -7.30 30.93
N SER B 162 30.55 -8.20 31.26
CA SER B 162 29.87 -9.02 30.27
C SER B 162 28.60 -9.58 30.90
N VAL B 163 27.49 -9.49 30.18
CA VAL B 163 26.19 -9.91 30.67
C VAL B 163 25.63 -10.99 29.75
N THR B 164 24.94 -11.97 30.33
CA THR B 164 24.27 -12.98 29.54
C THR B 164 22.91 -12.47 29.08
N GLU B 165 22.30 -13.23 28.18
CA GLU B 165 20.93 -12.93 27.79
C GLU B 165 19.96 -13.35 28.89
N GLN B 166 18.73 -12.88 28.79
CA GLN B 166 17.70 -13.26 29.76
C GLN B 166 17.42 -14.76 29.63
N ASP B 167 17.43 -15.45 30.77
CA ASP B 167 17.31 -16.91 30.75
C ASP B 167 15.92 -17.32 30.28
N SER B 168 15.88 -18.36 29.45
CA SER B 168 14.61 -18.82 28.87
C SER B 168 13.67 -19.41 29.90
N LYS B 169 14.19 -19.85 31.05
CA LYS B 169 13.38 -20.51 32.07
C LYS B 169 12.90 -19.54 33.15
N ASP B 170 13.82 -18.92 33.88
CA ASP B 170 13.46 -18.07 35.00
C ASP B 170 13.62 -16.59 34.71
N SER B 171 13.99 -16.21 33.48
CA SER B 171 13.98 -14.80 33.04
C SER B 171 14.91 -13.94 33.88
N THR B 172 16.10 -14.45 34.19
CA THR B 172 17.08 -13.76 35.02
C THR B 172 18.32 -13.43 34.19
N TYR B 173 19.27 -12.76 34.84
CA TYR B 173 20.51 -12.34 34.20
C TYR B 173 21.71 -12.92 34.95
N SER B 174 22.90 -12.61 34.44
CA SER B 174 24.17 -13.00 35.05
C SER B 174 25.25 -12.13 34.45
N LEU B 175 26.16 -11.66 35.31
CA LEU B 175 27.20 -10.72 34.92
C LEU B 175 28.54 -11.20 35.42
N SER B 176 29.59 -11.03 34.61
CA SER B 176 30.95 -11.43 34.97
C SER B 176 31.89 -10.28 34.65
N SER B 177 32.50 -9.71 35.69
CA SER B 177 33.48 -8.64 35.54
C SER B 177 34.88 -9.22 35.70
N THR B 178 35.79 -8.81 34.81
CA THR B 178 37.17 -9.29 34.81
C THR B 178 38.11 -8.12 35.06
N LEU B 179 38.68 -8.07 36.25
CA LEU B 179 39.69 -7.09 36.61
C LEU B 179 41.07 -7.68 36.27
N THR B 180 41.74 -7.09 35.28
CA THR B 180 43.02 -7.60 34.80
C THR B 180 44.14 -6.67 35.24
N LEU B 181 45.15 -7.24 35.90
CA LEU B 181 46.34 -6.53 36.35
C LEU B 181 47.58 -7.32 35.97
N SER B 182 48.73 -6.65 36.03
CA SER B 182 50.01 -7.33 35.86
C SER B 182 50.45 -7.96 37.18
N LYS B 183 51.31 -8.97 37.07
CA LYS B 183 51.80 -9.64 38.28
C LYS B 183 52.53 -8.65 39.19
N ALA B 184 53.18 -7.64 38.61
CA ALA B 184 53.90 -6.65 39.41
C ALA B 184 52.94 -5.85 40.29
N ASP B 185 51.93 -5.22 39.67
CA ASP B 185 50.95 -4.46 40.43
C ASP B 185 50.04 -5.35 41.27
N TYR B 186 50.03 -6.66 41.03
CA TYR B 186 49.17 -7.54 41.82
C TYR B 186 49.81 -7.92 43.15
N GLU B 187 51.11 -8.26 43.14
CA GLU B 187 51.81 -8.69 44.33
C GLU B 187 52.18 -7.54 45.27
N LYS B 188 51.60 -6.36 45.08
CA LYS B 188 51.85 -5.22 45.95
C LYS B 188 50.69 -4.90 46.87
N HIS B 189 49.53 -5.51 46.67
CA HIS B 189 48.33 -5.22 47.44
C HIS B 189 47.82 -6.49 48.10
N LYS B 190 47.15 -6.33 49.25
CA LYS B 190 46.76 -7.46 50.07
C LYS B 190 45.34 -7.93 49.79
N VAL B 191 44.35 -7.09 50.08
CA VAL B 191 42.94 -7.46 49.99
C VAL B 191 42.38 -7.01 48.65
N TYR B 192 41.56 -7.87 48.03
CA TYR B 192 40.89 -7.57 46.78
C TYR B 192 39.39 -7.79 46.96
N ALA B 193 38.60 -6.77 46.66
CA ALA B 193 37.18 -6.75 46.99
C ALA B 193 36.35 -6.32 45.79
N CYS B 194 35.15 -6.85 45.71
CA CYS B 194 34.19 -6.58 44.66
C CYS B 194 32.90 -6.08 45.29
N GLU B 195 32.50 -4.86 44.96
CA GLU B 195 31.30 -4.26 45.50
C GLU B 195 30.17 -4.28 44.47
N VAL B 196 28.98 -4.68 44.92
CA VAL B 196 27.82 -4.90 44.05
C VAL B 196 26.64 -4.11 44.61
N THR B 197 26.08 -3.23 43.78
CA THR B 197 24.87 -2.48 44.10
C THR B 197 23.76 -2.92 43.14
N HIS B 198 22.58 -3.22 43.69
CA HIS B 198 21.49 -3.74 42.90
C HIS B 198 20.17 -3.35 43.56
N GLN B 199 19.11 -3.26 42.75
CA GLN B 199 17.80 -2.86 43.24
C GLN B 199 17.15 -3.92 44.12
N GLY B 200 17.76 -5.09 44.25
CA GLY B 200 17.20 -6.15 45.07
C GLY B 200 18.04 -6.48 46.29
N LEU B 201 18.98 -5.59 46.62
CA LEU B 201 19.85 -5.76 47.79
C LEU B 201 19.61 -4.59 48.74
N SER B 202 19.45 -4.90 50.02
CA SER B 202 19.22 -3.85 51.01
C SER B 202 20.44 -2.97 51.20
N SER B 203 21.63 -3.53 51.04
CA SER B 203 22.89 -2.80 51.19
C SER B 203 23.88 -3.32 50.15
N PRO B 204 24.81 -2.47 49.71
CA PRO B 204 25.81 -2.92 48.72
C PRO B 204 26.61 -4.10 49.24
N VAL B 205 26.51 -5.22 48.53
CA VAL B 205 27.13 -6.47 48.95
C VAL B 205 28.58 -6.50 48.46
N THR B 206 29.51 -6.66 49.39
CA THR B 206 30.94 -6.69 49.09
C THR B 206 31.48 -8.09 49.35
N LYS B 207 32.27 -8.62 48.40
CA LYS B 207 32.91 -9.91 48.54
C LYS B 207 34.41 -9.74 48.30
N SER B 208 35.22 -10.07 49.31
CA SER B 208 36.65 -9.81 49.29
C SER B 208 37.42 -11.07 49.62
N PHE B 209 38.72 -11.05 49.29
CA PHE B 209 39.63 -12.12 49.64
C PHE B 209 41.01 -11.53 49.85
N ASN B 210 41.83 -12.26 50.61
CA ASN B 210 43.23 -11.90 50.82
C ASN B 210 44.10 -12.64 49.82
N ARG B 211 45.22 -12.00 49.46
CA ARG B 211 46.02 -12.49 48.34
C ARG B 211 46.58 -13.88 48.59
N GLY B 212 46.93 -14.19 49.84
CA GLY B 212 47.53 -15.49 50.13
C GLY B 212 46.74 -16.36 51.09
N GLU B 213 45.80 -15.76 51.82
CA GLU B 213 45.04 -16.48 52.84
C GLU B 213 44.18 -17.59 52.24
N LYS C 2 -23.26 34.05 -29.45
CA LYS C 2 -23.08 35.30 -28.71
C LYS C 2 -23.75 35.23 -27.35
N TYR C 3 -23.27 34.31 -26.50
CA TYR C 3 -23.85 34.06 -25.18
C TYR C 3 -22.79 34.27 -24.11
N GLN C 4 -23.05 35.19 -23.19
CA GLN C 4 -22.13 35.48 -22.08
C GLN C 4 -22.45 34.52 -20.93
N LEU C 5 -21.61 33.49 -20.79
CA LEU C 5 -21.85 32.44 -19.80
C LEU C 5 -20.60 32.20 -18.97
N PRO C 6 -20.76 31.81 -17.71
CA PRO C 6 -19.61 31.48 -16.87
C PRO C 6 -18.88 30.26 -17.41
N ASN C 7 -17.61 30.45 -17.77
CA ASN C 7 -16.80 29.41 -18.39
C ASN C 7 -15.43 29.37 -17.73
N PHE C 8 -14.62 28.39 -18.12
CA PHE C 8 -13.25 28.26 -17.64
C PHE C 8 -12.46 27.39 -18.60
N THR C 9 -11.25 27.82 -18.96
CA THR C 9 -10.35 27.09 -19.83
C THR C 9 -9.16 26.59 -19.01
N ALA C 10 -8.57 25.48 -19.44
CA ALA C 10 -7.61 24.77 -18.61
C ALA C 10 -6.28 24.45 -19.29
N GLU C 11 -6.14 24.68 -20.59
CA GLU C 11 -4.86 24.52 -21.27
C GLU C 11 -4.53 23.04 -21.42
N THR C 12 -5.42 22.16 -20.93
CA THR C 12 -5.37 20.72 -21.15
C THR C 12 -6.80 20.20 -21.18
N PRO C 13 -7.06 19.11 -21.91
CA PRO C 13 -8.42 18.57 -21.96
C PRO C 13 -8.92 18.13 -20.59
N ILE C 14 -10.22 18.28 -20.38
CA ILE C 14 -10.88 17.93 -19.13
C ILE C 14 -11.55 16.59 -19.29
N GLN C 15 -11.29 15.66 -18.37
CA GLN C 15 -11.91 14.35 -18.41
C GLN C 15 -13.18 14.32 -17.55
N ASN C 16 -13.02 14.02 -16.27
CA ASN C 16 -14.14 13.95 -15.34
CA ASN C 16 -14.15 13.97 -15.35
C ASN C 16 -14.26 15.27 -14.55
N VAL C 17 -15.42 15.45 -13.93
CA VAL C 17 -15.69 16.66 -13.16
C VAL C 17 -16.55 16.28 -11.96
N ILE C 18 -16.27 16.93 -10.82
CA ILE C 18 -16.99 16.68 -9.57
C ILE C 18 -17.44 18.02 -8.99
N LEU C 19 -18.63 18.04 -8.38
CA LEU C 19 -19.14 19.19 -7.64
C LEU C 19 -19.36 18.78 -6.20
N HIS C 20 -18.75 19.50 -5.26
CA HIS C 20 -18.85 19.15 -3.85
C HIS C 20 -18.50 20.38 -3.00
N GLU C 21 -19.38 20.69 -2.05
CA GLU C 21 -19.15 21.75 -1.06
C GLU C 21 -18.82 23.08 -1.72
N HIS C 22 -19.65 23.45 -2.70
CA HIS C 22 -19.55 24.73 -3.41
C HIS C 22 -18.21 24.91 -4.13
N HIS C 23 -17.51 23.81 -4.41
CA HIS C 23 -16.30 23.82 -5.20
C HIS C 23 -16.43 22.83 -6.34
N ILE C 24 -15.82 23.16 -7.49
CA ILE C 24 -15.89 22.33 -8.68
C ILE C 24 -14.50 21.76 -8.94
N PHE C 25 -14.40 20.43 -8.93
CA PHE C 25 -13.14 19.73 -9.10
C PHE C 25 -13.05 19.18 -10.52
N LEU C 26 -12.03 19.62 -11.26
CA LEU C 26 -11.79 19.20 -12.63
C LEU C 26 -10.61 18.25 -12.68
N GLY C 27 -10.83 17.07 -13.26
CA GLY C 27 -9.76 16.13 -13.51
C GLY C 27 -9.27 16.20 -14.95
N ALA C 28 -8.23 16.99 -15.19
CA ALA C 28 -7.74 17.25 -16.53
C ALA C 28 -6.38 16.60 -16.75
N THR C 29 -6.01 16.48 -18.03
CA THR C 29 -4.72 15.92 -18.39
C THR C 29 -3.61 16.64 -17.64
N ASN C 30 -2.95 15.91 -16.73
CA ASN C 30 -1.80 16.37 -15.97
C ASN C 30 -2.13 17.40 -14.89
N TYR C 31 -3.41 17.68 -14.64
CA TYR C 31 -3.75 18.67 -13.62
C TYR C 31 -5.09 18.33 -12.99
N ILE C 32 -5.31 18.87 -11.79
CA ILE C 32 -6.60 18.82 -11.11
C ILE C 32 -6.91 20.23 -10.64
N TYR C 33 -7.93 20.85 -11.24
CA TYR C 33 -8.27 22.24 -10.94
C TYR C 33 -9.42 22.29 -9.94
N VAL C 34 -9.45 23.38 -9.17
CA VAL C 34 -10.50 23.62 -8.18
C VAL C 34 -11.03 25.02 -8.44
N LEU C 35 -12.29 25.11 -8.88
CA LEU C 35 -12.94 26.36 -9.21
C LEU C 35 -14.01 26.69 -8.18
N ASN C 36 -14.28 27.99 -8.02
CA ASN C 36 -15.41 28.43 -7.20
C ASN C 36 -16.70 28.21 -7.98
N GLU C 37 -17.69 27.59 -7.33
CA GLU C 37 -18.93 27.25 -8.01
C GLU C 37 -19.64 28.49 -8.54
N GLU C 38 -19.60 29.59 -7.78
CA GLU C 38 -20.40 30.76 -8.13
C GLU C 38 -19.98 31.36 -9.46
N ASP C 39 -18.67 31.49 -9.70
CA ASP C 39 -18.18 32.19 -10.87
C ASP C 39 -17.21 31.38 -11.71
N LEU C 40 -16.92 30.13 -11.34
CA LEU C 40 -15.96 29.30 -12.08
C LEU C 40 -14.60 29.98 -12.20
N GLN C 41 -14.18 30.64 -11.13
CA GLN C 41 -12.84 31.19 -11.03
C GLN C 41 -11.91 30.14 -10.42
N LYS C 42 -10.72 30.01 -10.98
CA LYS C 42 -9.76 29.02 -10.50
C LYS C 42 -9.29 29.39 -9.10
N VAL C 43 -9.45 28.47 -8.16
CA VAL C 43 -9.07 28.67 -6.77
C VAL C 43 -7.83 27.86 -6.41
N ALA C 44 -7.79 26.59 -6.81
CA ALA C 44 -6.67 25.74 -6.45
C ALA C 44 -6.22 24.92 -7.66
N GLU C 45 -4.99 24.44 -7.60
CA GLU C 45 -4.44 23.56 -8.61
C GLU C 45 -3.69 22.42 -7.94
N TYR C 46 -3.41 21.38 -8.72
CA TYR C 46 -2.52 20.32 -8.28
C TYR C 46 -1.97 19.62 -9.50
N LYS C 47 -0.64 19.52 -9.58
CA LYS C 47 0.03 19.02 -10.78
C LYS C 47 0.22 17.52 -10.62
N THR C 48 -0.64 16.74 -11.28
CA THR C 48 -0.37 15.34 -11.60
C THR C 48 0.32 15.22 -12.93
N GLY C 49 1.22 16.16 -13.23
CA GLY C 49 1.75 16.38 -14.56
C GLY C 49 2.49 15.21 -15.17
N PRO C 50 3.20 15.47 -16.27
CA PRO C 50 3.93 14.39 -16.94
C PRO C 50 4.92 13.76 -15.98
N VAL C 51 4.87 12.44 -15.89
CA VAL C 51 5.58 11.71 -14.86
C VAL C 51 6.46 10.66 -15.52
N LEU C 52 7.55 10.31 -14.84
CA LEU C 52 8.52 9.34 -15.35
C LEU C 52 8.20 7.96 -14.81
N GLU C 53 8.08 6.98 -15.71
CA GLU C 53 7.75 5.62 -15.35
C GLU C 53 9.00 4.74 -15.38
N HIS C 54 9.12 3.88 -14.37
CA HIS C 54 10.22 2.95 -14.26
C HIS C 54 9.68 1.71 -13.55
N PRO C 55 10.08 0.51 -13.98
CA PRO C 55 9.55 -0.69 -13.33
C PRO C 55 9.96 -0.83 -11.87
N ASP C 56 11.18 -0.41 -11.54
CA ASP C 56 11.66 -0.50 -10.16
C ASP C 56 11.13 0.61 -9.27
N CYS C 57 10.26 1.48 -9.78
CA CYS C 57 9.69 2.59 -9.01
C CYS C 57 8.20 2.37 -8.83
N PHE C 58 7.75 2.52 -7.58
CA PHE C 58 6.37 2.28 -7.18
C PHE C 58 5.79 3.58 -6.65
N PRO C 59 4.47 3.69 -6.48
CA PRO C 59 3.87 4.96 -6.03
C PRO C 59 4.51 5.48 -4.74
N CYS C 60 4.50 6.81 -4.61
CA CYS C 60 4.97 7.56 -3.45
C CYS C 60 6.46 7.40 -3.17
N GLN C 61 7.21 6.77 -4.07
CA GLN C 61 8.63 6.54 -3.83
C GLN C 61 9.47 7.70 -4.36
N ASP C 62 10.70 7.78 -3.85
CA ASP C 62 11.70 8.72 -4.34
C ASP C 62 12.44 8.04 -5.49
N CYS C 63 11.84 8.14 -6.68
CA CYS C 63 12.33 7.38 -7.82
C CYS C 63 13.71 7.85 -8.27
N SER C 64 14.01 9.15 -8.09
CA SER C 64 15.28 9.71 -8.54
C SER C 64 16.47 9.15 -7.76
N SER C 65 16.25 8.57 -6.59
CA SER C 65 17.32 7.94 -5.83
C SER C 65 17.37 6.43 -6.00
N LYS C 66 16.30 5.82 -6.51
CA LYS C 66 16.19 4.38 -6.61
C LYS C 66 16.58 3.82 -7.98
N ALA C 67 16.62 4.65 -9.02
CA ALA C 67 16.83 4.14 -10.36
C ALA C 67 17.46 5.22 -11.25
N ASN C 68 17.87 4.78 -12.43
CA ASN C 68 18.55 5.61 -13.42
C ASN C 68 17.51 6.19 -14.37
N LEU C 69 17.31 7.51 -14.30
CA LEU C 69 16.20 8.17 -14.97
C LEU C 69 16.62 8.99 -16.19
N SER C 70 17.83 8.79 -16.71
CA SER C 70 18.29 9.56 -17.86
C SER C 70 17.65 9.03 -19.14
N GLY C 71 17.32 9.94 -20.05
CA GLY C 71 16.66 9.57 -21.29
C GLY C 71 15.23 9.13 -21.13
N GLY C 72 14.60 9.45 -20.00
CA GLY C 72 13.24 8.97 -19.74
C GLY C 72 12.22 9.77 -20.54
N VAL C 73 11.28 9.05 -21.16
CA VAL C 73 10.24 9.68 -21.95
C VAL C 73 9.10 10.10 -21.03
N TRP C 74 8.77 11.39 -21.05
CA TRP C 74 7.70 11.91 -20.21
C TRP C 74 6.36 11.36 -20.68
N LYS C 75 5.57 10.85 -19.73
CA LYS C 75 4.27 10.28 -20.02
C LYS C 75 3.18 11.20 -19.46
N ASP C 76 2.24 11.59 -20.31
CA ASP C 76 1.16 12.47 -19.86
C ASP C 76 0.14 11.67 -19.05
N ASN C 77 -0.21 12.19 -17.88
CA ASN C 77 -1.09 11.51 -16.94
C ASN C 77 -2.51 12.01 -17.14
N ILE C 78 -3.26 11.30 -17.98
CA ILE C 78 -4.65 11.68 -18.28
C ILE C 78 -5.56 11.17 -17.17
N ASN C 79 -6.35 12.08 -16.61
CA ASN C 79 -7.27 11.70 -15.54
C ASN C 79 -8.25 10.65 -16.02
N MET C 80 -8.59 9.73 -15.15
CA MET C 80 -9.49 8.63 -15.50
C MET C 80 -10.68 8.52 -14.57
N ALA C 81 -10.48 8.72 -13.26
CA ALA C 81 -11.57 8.67 -12.31
C ALA C 81 -11.40 9.77 -11.28
N LEU C 82 -12.53 10.29 -10.81
CA LEU C 82 -12.57 11.34 -9.80
C LEU C 82 -13.73 11.05 -8.87
N VAL C 83 -13.43 10.89 -7.58
CA VAL C 83 -14.42 10.47 -6.59
C VAL C 83 -14.21 11.31 -5.33
N VAL C 84 -15.28 11.55 -4.58
CA VAL C 84 -15.20 12.24 -3.30
C VAL C 84 -15.77 11.33 -2.22
N ASP C 85 -15.04 11.19 -1.11
CA ASP C 85 -15.43 10.36 0.01
C ASP C 85 -15.83 11.26 1.18
N THR C 86 -17.00 10.95 1.77
CA THR C 86 -17.52 11.69 2.91
C THR C 86 -17.79 10.82 4.13
N TYR C 87 -17.64 9.49 4.00
CA TYR C 87 -17.88 8.61 5.14
C TYR C 87 -16.98 8.99 6.32
N TYR C 88 -15.67 8.92 6.13
CA TYR C 88 -14.74 9.35 7.16
C TYR C 88 -14.35 10.80 6.93
N ASP C 89 -13.07 11.12 7.06
CA ASP C 89 -12.59 12.46 6.72
C ASP C 89 -12.77 12.70 5.23
N ASP C 90 -13.49 13.77 4.88
CA ASP C 90 -13.80 14.05 3.49
C ASP C 90 -12.53 14.19 2.67
N GLN C 91 -12.49 13.54 1.50
CA GLN C 91 -11.28 13.50 0.69
C GLN C 91 -11.64 13.31 -0.77
N LEU C 92 -10.62 13.40 -1.62
CA LEU C 92 -10.78 13.36 -3.08
C LEU C 92 -9.85 12.29 -3.63
N ILE C 93 -10.43 11.22 -4.15
CA ILE C 93 -9.68 10.12 -4.76
C ILE C 93 -9.62 10.34 -6.26
N SER C 94 -8.40 10.40 -6.80
CA SER C 94 -8.17 10.58 -8.22
C SER C 94 -7.38 9.39 -8.75
N CYS C 95 -7.81 8.86 -9.89
CA CYS C 95 -7.11 7.76 -10.57
C CYS C 95 -6.72 8.24 -11.96
N GLY C 96 -5.42 8.19 -12.25
CA GLY C 96 -4.89 8.57 -13.54
C GLY C 96 -4.57 7.37 -14.42
N SER C 97 -4.09 7.67 -15.62
CA SER C 97 -3.79 6.64 -16.62
C SER C 97 -2.41 6.02 -16.45
N VAL C 98 -1.43 6.80 -16.01
CA VAL C 98 -0.06 6.33 -15.89
C VAL C 98 0.16 5.64 -14.55
N ASN C 99 1.39 5.17 -14.33
CA ASN C 99 1.80 4.58 -13.06
C ASN C 99 0.91 3.40 -12.68
N ARG C 100 0.75 2.48 -13.63
CA ARG C 100 -0.04 1.25 -13.46
C ARG C 100 -1.51 1.54 -13.15
N GLY C 101 -1.97 2.76 -13.43
CA GLY C 101 -3.35 3.10 -13.15
C GLY C 101 -3.70 3.05 -11.68
N THR C 102 -2.82 3.56 -10.82
CA THR C 102 -3.10 3.62 -9.39
C THR C 102 -3.78 4.93 -9.02
N CYS C 103 -4.28 4.98 -7.80
CA CYS C 103 -5.06 6.12 -7.33
C CYS C 103 -4.38 6.78 -6.14
N GLN C 104 -4.77 8.03 -5.88
CA GLN C 104 -4.25 8.82 -4.78
C GLN C 104 -5.40 9.59 -4.16
N ARG C 105 -5.26 9.93 -2.88
CA ARG C 105 -6.30 10.64 -2.15
C ARG C 105 -5.75 11.96 -1.60
N HIS C 106 -6.62 12.97 -1.57
CA HIS C 106 -6.29 14.31 -1.08
C HIS C 106 -7.27 14.64 0.04
N VAL C 107 -6.75 14.97 1.22
CA VAL C 107 -7.58 15.18 2.40
C VAL C 107 -7.88 16.67 2.55
N PHE C 108 -9.12 16.99 3.01
CA PHE C 108 -9.63 18.34 3.17
C PHE C 108 -9.57 18.77 4.63
N PRO C 109 -8.97 19.91 4.93
CA PRO C 109 -9.03 20.45 6.30
C PRO C 109 -10.37 21.11 6.59
N HIS C 110 -10.58 21.40 7.88
CA HIS C 110 -11.84 22.00 8.32
C HIS C 110 -11.84 23.52 8.11
N ASN C 111 -10.86 24.20 8.71
CA ASN C 111 -10.68 25.64 8.52
C ASN C 111 -10.72 26.01 7.03
N HIS C 112 -10.08 25.21 6.17
CA HIS C 112 -10.07 25.47 4.73
C HIS C 112 -10.41 24.19 3.98
N THR C 113 -11.48 24.22 3.20
CA THR C 113 -11.99 23.03 2.53
C THR C 113 -11.53 22.94 1.07
N ALA C 114 -10.38 23.54 0.74
CA ALA C 114 -9.88 23.53 -0.63
C ALA C 114 -8.39 23.23 -0.69
N ASP C 115 -7.81 22.64 0.37
CA ASP C 115 -6.39 22.31 0.39
C ASP C 115 -6.21 20.89 -0.16
N ILE C 116 -5.98 20.79 -1.47
CA ILE C 116 -5.76 19.48 -2.10
C ILE C 116 -4.29 19.12 -2.22
N GLN C 117 -3.38 20.03 -1.84
CA GLN C 117 -1.95 19.75 -1.91
C GLN C 117 -1.33 19.65 -0.52
N SER C 118 -2.14 19.67 0.53
CA SER C 118 -1.59 19.63 1.89
C SER C 118 -1.35 18.20 2.35
N GLU C 119 -2.37 17.35 2.29
CA GLU C 119 -2.28 15.96 2.73
C GLU C 119 -2.70 15.06 1.58
N VAL C 120 -1.72 14.41 0.95
CA VAL C 120 -1.95 13.56 -0.21
C VAL C 120 -1.29 12.21 0.05
N HIS C 121 -2.07 11.13 -0.04
CA HIS C 121 -1.58 9.77 0.18
C HIS C 121 -1.96 8.92 -1.02
N CYS C 122 -0.95 8.36 -1.70
CA CYS C 122 -1.22 7.37 -2.73
C CYS C 122 -1.82 6.11 -2.08
N ILE C 123 -2.74 5.48 -2.79
CA ILE C 123 -3.41 4.27 -2.30
C ILE C 123 -2.74 3.09 -2.99
N PHE C 124 -1.65 2.60 -2.40
CA PHE C 124 -0.90 1.52 -3.00
C PHE C 124 -0.20 0.70 -1.92
N SER C 125 -0.24 -0.64 -2.10
CA SER C 125 0.46 -1.60 -1.26
C SER C 125 0.90 -2.78 -2.11
N PRO C 126 2.20 -3.07 -2.17
CA PRO C 126 2.66 -4.21 -2.98
C PRO C 126 2.18 -5.53 -2.40
N GLN C 127 2.34 -6.58 -3.21
CA GLN C 127 1.89 -7.93 -2.85
C GLN C 127 3.08 -8.89 -2.96
N ILE C 128 4.02 -8.77 -2.03
CA ILE C 128 5.23 -9.62 -2.05
C ILE C 128 4.85 -11.09 -1.98
N GLU C 129 3.77 -11.42 -1.28
CA GLU C 129 3.33 -12.81 -1.19
C GLU C 129 3.00 -13.38 -2.57
N GLU C 130 2.11 -12.71 -3.29
CA GLU C 130 1.71 -13.13 -4.64
C GLU C 130 2.08 -12.04 -5.63
N PRO C 131 3.18 -12.22 -6.39
CA PRO C 131 3.68 -11.13 -7.24
C PRO C 131 2.82 -10.83 -8.45
N SER C 132 1.82 -11.67 -8.77
CA SER C 132 0.97 -11.44 -9.92
C SER C 132 -0.30 -10.67 -9.59
N GLN C 133 -0.66 -10.58 -8.31
CA GLN C 133 -1.89 -9.90 -7.90
C GLN C 133 -1.61 -8.45 -7.55
N CYS C 134 -2.44 -7.55 -8.09
CA CYS C 134 -2.33 -6.12 -7.77
C CYS C 134 -3.74 -5.56 -7.60
N PRO C 135 -4.23 -5.48 -6.36
CA PRO C 135 -5.54 -4.85 -6.13
C PRO C 135 -5.51 -3.33 -6.17
N ASP C 136 -4.33 -2.71 -6.22
CA ASP C 136 -4.19 -1.27 -6.29
C ASP C 136 -4.04 -0.76 -7.72
N CYS C 137 -3.77 -1.65 -8.67
CA CYS C 137 -3.87 -1.33 -10.09
C CYS C 137 -5.35 -1.28 -10.44
N VAL C 138 -5.91 -0.08 -10.48
CA VAL C 138 -7.35 0.12 -10.57
C VAL C 138 -7.80 0.33 -12.01
N VAL C 139 -7.18 1.27 -12.70
CA VAL C 139 -7.76 1.90 -13.88
C VAL C 139 -6.94 1.55 -15.12
N SER C 140 -7.63 1.11 -16.16
CA SER C 140 -7.02 0.89 -17.47
C SER C 140 -6.90 2.21 -18.22
N ALA C 141 -5.73 2.42 -18.84
CA ALA C 141 -5.53 3.63 -19.64
C ALA C 141 -6.29 3.59 -20.96
N LEU C 142 -6.83 2.44 -21.35
CA LEU C 142 -7.58 2.30 -22.59
C LEU C 142 -9.06 2.63 -22.42
N GLY C 143 -9.47 3.09 -21.23
CA GLY C 143 -10.87 3.38 -20.99
C GLY C 143 -11.39 2.69 -19.74
N ALA C 144 -11.89 3.48 -18.79
CA ALA C 144 -12.35 2.93 -17.53
C ALA C 144 -13.51 3.77 -17.01
N LYS C 145 -14.45 3.09 -16.36
CA LYS C 145 -15.59 3.73 -15.72
C LYS C 145 -15.61 3.28 -14.26
N VAL C 146 -15.48 4.23 -13.34
CA VAL C 146 -15.34 3.94 -11.92
C VAL C 146 -16.55 4.50 -11.18
N LEU C 147 -17.20 3.64 -10.40
CA LEU C 147 -18.36 4.01 -9.60
C LEU C 147 -18.11 3.59 -8.16
N SER C 148 -18.09 4.56 -7.25
CA SER C 148 -17.82 4.31 -5.85
C SER C 148 -19.09 4.43 -5.03
N SER C 149 -19.15 3.68 -3.93
CA SER C 149 -20.30 3.76 -3.04
C SER C 149 -19.92 3.21 -1.68
N VAL C 150 -20.46 3.81 -0.63
CA VAL C 150 -20.24 3.35 0.73
C VAL C 150 -21.35 2.37 1.11
N LYS C 151 -20.95 1.20 1.61
CA LYS C 151 -21.92 0.18 2.00
C LYS C 151 -21.31 -0.66 3.12
N ASP C 152 -22.15 -0.97 4.12
CA ASP C 152 -21.73 -1.78 5.26
C ASP C 152 -20.51 -1.19 5.96
N ARG C 153 -20.51 0.14 6.08
CA ARG C 153 -19.46 0.89 6.79
C ARG C 153 -18.10 0.76 6.11
N PHE C 154 -18.10 0.72 4.77
CA PHE C 154 -16.86 0.62 4.01
C PHE C 154 -17.06 1.26 2.64
N ILE C 155 -15.94 1.59 2.00
CA ILE C 155 -15.95 2.22 0.68
C ILE C 155 -15.66 1.17 -0.38
N ASN C 156 -16.51 1.11 -1.40
CA ASN C 156 -16.40 0.12 -2.47
C ASN C 156 -16.23 0.81 -3.81
N PHE C 157 -15.43 0.18 -4.67
CA PHE C 157 -15.05 0.68 -6.00
C PHE C 157 -15.43 -0.36 -7.05
N PHE C 158 -16.53 -0.11 -7.75
CA PHE C 158 -16.93 -0.91 -8.90
C PHE C 158 -16.30 -0.32 -10.15
N VAL C 159 -15.43 -1.09 -10.80
CA VAL C 159 -14.61 -0.59 -11.90
C VAL C 159 -14.84 -1.44 -13.14
N GLY C 160 -15.08 -0.78 -14.26
CA GLY C 160 -15.11 -1.40 -15.57
C GLY C 160 -13.93 -0.93 -16.41
N ASN C 161 -13.10 -1.86 -16.86
CA ASN C 161 -11.88 -1.55 -17.59
C ASN C 161 -11.93 -2.15 -18.99
N THR C 162 -11.48 -1.36 -19.97
CA THR C 162 -11.26 -1.86 -21.32
C THR C 162 -9.83 -2.35 -21.43
N ILE C 163 -9.64 -3.58 -21.95
CA ILE C 163 -8.34 -4.24 -21.94
C ILE C 163 -7.82 -4.40 -23.36
N ASN C 164 -6.54 -4.05 -23.54
CA ASN C 164 -5.73 -4.35 -24.71
C ASN C 164 -5.08 -5.70 -24.44
N SER C 165 -4.63 -6.36 -25.50
CA SER C 165 -4.05 -7.69 -25.28
C SER C 165 -2.65 -7.63 -24.68
N SER C 166 -1.99 -6.48 -24.73
CA SER C 166 -0.63 -6.37 -24.23
C SER C 166 -0.58 -6.33 -22.71
N TYR C 167 -1.66 -5.89 -22.07
CA TYR C 167 -1.69 -5.84 -20.61
C TYR C 167 -1.58 -7.24 -20.02
N PHE C 168 -2.43 -8.16 -20.49
CA PHE C 168 -2.54 -9.52 -19.96
C PHE C 168 -1.21 -10.19 -19.63
N PRO C 169 -0.18 -10.16 -20.48
CA PRO C 169 1.05 -10.89 -20.13
C PRO C 169 1.72 -10.42 -18.84
N ASP C 170 1.91 -9.11 -18.67
CA ASP C 170 2.67 -8.58 -17.54
C ASP C 170 1.80 -7.79 -16.57
N HIS C 171 1.07 -6.78 -17.06
CA HIS C 171 0.25 -5.89 -16.24
C HIS C 171 -1.23 -6.11 -16.52
N PRO C 172 -1.88 -7.06 -15.86
CA PRO C 172 -3.28 -7.35 -16.16
C PRO C 172 -4.25 -6.61 -15.26
N LEU C 173 -5.44 -6.38 -15.79
CA LEU C 173 -6.53 -5.73 -15.08
C LEU C 173 -7.79 -6.57 -15.23
N HIS C 174 -8.87 -6.12 -14.61
CA HIS C 174 -10.12 -6.87 -14.56
C HIS C 174 -11.22 -6.13 -15.31
N SER C 175 -11.99 -6.88 -16.10
CA SER C 175 -13.04 -6.28 -16.91
C SER C 175 -14.10 -5.61 -16.04
N ILE C 176 -14.59 -6.32 -15.03
CA ILE C 176 -15.51 -5.76 -14.05
C ILE C 176 -15.05 -6.24 -12.67
N SER C 177 -14.79 -5.30 -11.76
CA SER C 177 -14.29 -5.66 -10.44
C SER C 177 -14.98 -4.83 -9.38
N VAL C 178 -14.90 -5.32 -8.15
CA VAL C 178 -15.30 -4.57 -6.96
C VAL C 178 -14.17 -4.66 -5.94
N ARG C 179 -13.61 -3.53 -5.57
CA ARG C 179 -12.51 -3.48 -4.62
C ARG C 179 -12.96 -2.74 -3.37
N ARG C 180 -12.55 -3.24 -2.21
CA ARG C 180 -12.88 -2.60 -0.94
C ARG C 180 -11.68 -1.80 -0.46
N LEU C 181 -11.93 -0.56 -0.05
CA LEU C 181 -10.86 0.27 0.48
C LEU C 181 -10.58 -0.14 1.91
N LYS C 182 -9.34 -0.55 2.19
CA LYS C 182 -8.97 -0.96 3.53
C LYS C 182 -9.18 0.18 4.52
N GLU C 183 -9.47 -0.20 5.77
CA GLU C 183 -9.75 0.78 6.80
C GLU C 183 -8.55 1.67 7.10
N THR C 184 -7.35 1.23 6.73
CA THR C 184 -6.16 2.08 6.83
C THR C 184 -5.99 2.99 5.62
N LYS C 185 -6.94 2.96 4.68
CA LYS C 185 -6.93 3.82 3.49
C LYS C 185 -5.63 3.71 2.69
N ASP C 186 -4.89 2.62 2.85
CA ASP C 186 -3.61 2.46 2.17
C ASP C 186 -3.63 1.31 1.16
N GLY C 187 -4.81 0.87 0.74
CA GLY C 187 -4.89 -0.15 -0.28
C GLY C 187 -6.26 -0.75 -0.50
N PHE C 188 -6.51 -1.26 -1.70
CA PHE C 188 -7.72 -2.01 -1.99
C PHE C 188 -7.45 -3.50 -1.84
N MET C 189 -8.54 -4.27 -1.74
CA MET C 189 -8.43 -5.72 -1.59
C MET C 189 -9.61 -6.39 -2.26
N PHE C 190 -9.37 -7.59 -2.79
CA PHE C 190 -10.42 -8.44 -3.35
C PHE C 190 -10.78 -9.51 -2.34
N LEU C 191 -12.06 -9.58 -1.97
CA LEU C 191 -12.46 -10.46 -0.88
C LEU C 191 -12.58 -11.92 -1.32
N THR C 192 -12.91 -12.18 -2.58
CA THR C 192 -13.07 -13.54 -3.05
C THR C 192 -12.53 -13.66 -4.46
N ASP C 193 -12.40 -14.91 -4.93
CA ASP C 193 -12.11 -15.16 -6.33
C ASP C 193 -13.24 -14.72 -7.24
N GLN C 194 -14.42 -14.42 -6.68
CA GLN C 194 -15.58 -14.00 -7.45
C GLN C 194 -15.90 -12.53 -7.27
N SER C 195 -14.90 -11.72 -6.92
CA SER C 195 -15.07 -10.27 -6.88
C SER C 195 -14.75 -9.62 -8.22
N TYR C 196 -14.24 -10.37 -9.18
CA TYR C 196 -13.84 -9.82 -10.48
C TYR C 196 -14.22 -10.81 -11.57
N ILE C 197 -14.59 -10.25 -12.72
CA ILE C 197 -14.94 -11.01 -13.91
C ILE C 197 -14.08 -10.51 -15.05
N ASP C 198 -13.30 -11.42 -15.66
CA ASP C 198 -12.39 -11.06 -16.73
C ASP C 198 -12.85 -11.67 -18.05
N VAL C 199 -12.22 -11.20 -19.12
CA VAL C 199 -12.38 -11.77 -20.45
C VAL C 199 -11.29 -12.81 -20.64
N LEU C 200 -11.65 -13.91 -21.30
CA LEU C 200 -10.69 -14.99 -21.52
C LEU C 200 -9.49 -14.48 -22.32
N PRO C 201 -8.30 -15.02 -22.07
CA PRO C 201 -7.10 -14.53 -22.78
C PRO C 201 -7.19 -14.67 -24.29
N GLU C 202 -7.95 -15.65 -24.79
CA GLU C 202 -8.11 -15.80 -26.24
C GLU C 202 -9.00 -14.71 -26.82
N PHE C 203 -9.84 -14.07 -26.00
CA PHE C 203 -10.78 -13.06 -26.47
C PHE C 203 -10.40 -11.65 -26.05
N ARG C 204 -9.16 -11.44 -25.60
CA ARG C 204 -8.74 -10.11 -25.18
C ARG C 204 -8.73 -9.13 -26.36
N ASP C 205 -8.50 -9.64 -27.57
CA ASP C 205 -8.47 -8.82 -28.77
C ASP C 205 -9.76 -8.91 -29.59
N SER C 206 -10.32 -10.10 -29.72
CA SER C 206 -11.50 -10.29 -30.56
C SER C 206 -12.77 -9.76 -29.91
N TYR C 207 -12.78 -9.60 -28.59
CA TYR C 207 -13.97 -9.18 -27.85
C TYR C 207 -13.64 -7.97 -27.00
N PRO C 208 -13.66 -6.78 -27.58
CA PRO C 208 -13.50 -5.55 -26.79
C PRO C 208 -14.79 -5.20 -26.08
N ILE C 209 -14.64 -4.54 -24.92
CA ILE C 209 -15.78 -4.11 -24.12
C ILE C 209 -15.51 -2.69 -23.64
N LYS C 210 -16.33 -1.74 -24.09
CA LYS C 210 -16.21 -0.34 -23.69
C LYS C 210 -17.37 0.01 -22.77
N TYR C 211 -17.04 0.49 -21.57
CA TYR C 211 -18.01 0.73 -20.51
C TYR C 211 -18.46 2.20 -20.56
N VAL C 212 -19.73 2.41 -20.90
CA VAL C 212 -20.23 3.76 -21.15
C VAL C 212 -20.71 4.42 -19.87
N HIS C 213 -21.56 3.76 -19.10
CA HIS C 213 -22.13 4.38 -17.91
C HIS C 213 -22.15 3.35 -16.79
N ALA C 214 -22.39 3.83 -15.57
CA ALA C 214 -22.55 2.97 -14.41
C ALA C 214 -23.29 3.73 -13.33
N PHE C 215 -24.31 3.10 -12.75
CA PHE C 215 -25.10 3.76 -11.72
C PHE C 215 -25.62 2.72 -10.75
N GLU C 216 -26.19 3.19 -9.64
CA GLU C 216 -26.76 2.34 -8.61
C GLU C 216 -28.22 2.71 -8.42
N SER C 217 -29.08 1.70 -8.38
CA SER C 217 -30.51 1.94 -8.25
C SER C 217 -31.17 0.69 -7.70
N ASN C 218 -32.12 0.90 -6.78
CA ASN C 218 -32.93 -0.19 -6.20
C ASN C 218 -32.05 -1.28 -5.62
N ASN C 219 -30.96 -0.88 -4.98
CA ASN C 219 -29.99 -1.81 -4.37
C ASN C 219 -29.40 -2.75 -5.42
N PHE C 220 -29.15 -2.23 -6.61
CA PHE C 220 -28.51 -2.96 -7.69
C PHE C 220 -27.47 -2.06 -8.35
N ILE C 221 -26.43 -2.68 -8.90
CA ILE C 221 -25.40 -1.97 -9.65
C ILE C 221 -25.59 -2.27 -11.13
N TYR C 222 -25.61 -1.20 -11.93
CA TYR C 222 -25.83 -1.29 -13.37
C TYR C 222 -24.65 -0.68 -14.12
N PHE C 223 -24.28 -1.30 -15.24
CA PHE C 223 -23.19 -0.87 -16.09
C PHE C 223 -23.67 -0.91 -17.53
N LEU C 224 -23.76 0.25 -18.17
CA LEU C 224 -24.08 0.32 -19.58
C LEU C 224 -22.78 0.22 -20.38
N THR C 225 -22.75 -0.74 -21.32
CA THR C 225 -21.53 -1.04 -22.07
C THR C 225 -21.87 -1.32 -23.53
N VAL C 226 -20.84 -1.26 -24.38
CA VAL C 226 -20.95 -1.56 -25.80
C VAL C 226 -20.01 -2.72 -26.10
N GLN C 227 -20.57 -3.85 -26.54
CA GLN C 227 -19.80 -5.05 -26.81
C GLN C 227 -20.14 -5.58 -28.20
N ARG C 228 -19.55 -6.71 -28.55
CA ARG C 228 -19.98 -7.46 -29.72
C ARG C 228 -21.19 -8.30 -29.36
N GLU C 229 -22.12 -8.44 -30.31
CA GLU C 229 -23.34 -9.19 -30.06
C GLU C 229 -23.03 -10.61 -29.63
N THR C 230 -22.22 -11.32 -30.41
CA THR C 230 -21.68 -12.62 -30.00
C THR C 230 -20.17 -12.57 -30.07
N LEU C 231 -19.54 -13.69 -30.42
CA LEU C 231 -18.09 -13.75 -30.54
C LEU C 231 -17.62 -13.81 -31.99
N ASP C 232 -18.23 -14.67 -32.79
CA ASP C 232 -17.87 -14.81 -34.20
C ASP C 232 -18.43 -13.69 -35.07
N ALA C 233 -19.39 -12.92 -34.57
CA ALA C 233 -19.98 -11.85 -35.36
C ALA C 233 -19.13 -10.60 -35.29
N GLN C 234 -19.29 -9.73 -36.29
CA GLN C 234 -18.52 -8.51 -36.40
C GLN C 234 -19.34 -7.26 -36.09
N THR C 235 -20.61 -7.39 -35.74
CA THR C 235 -21.46 -6.26 -35.44
C THR C 235 -21.50 -6.01 -33.93
N PHE C 236 -21.71 -4.75 -33.55
CA PHE C 236 -21.68 -4.32 -32.16
C PHE C 236 -23.06 -3.92 -31.69
N HIS C 237 -23.26 -3.97 -30.36
CA HIS C 237 -24.51 -3.55 -29.75
C HIS C 237 -24.23 -3.10 -28.33
N THR C 238 -25.29 -2.67 -27.65
CA THR C 238 -25.23 -2.16 -26.29
C THR C 238 -25.90 -3.14 -25.33
N ARG C 239 -25.26 -3.38 -24.20
CA ARG C 239 -25.84 -4.18 -23.13
C ARG C 239 -25.90 -3.37 -21.84
N ILE C 240 -26.89 -3.70 -21.02
CA ILE C 240 -26.97 -3.23 -19.64
C ILE C 240 -26.65 -4.40 -18.73
N ILE C 241 -25.83 -4.15 -17.72
CA ILE C 241 -25.29 -5.18 -16.84
C ILE C 241 -25.80 -4.91 -15.43
N ARG C 242 -26.49 -5.88 -14.84
CA ARG C 242 -27.03 -5.74 -13.50
C ARG C 242 -26.41 -6.79 -12.60
N PHE C 243 -25.94 -6.37 -11.43
CA PHE C 243 -25.46 -7.32 -10.44
C PHE C 243 -25.65 -6.77 -9.04
N CYS C 244 -25.52 -7.66 -8.06
CA CYS C 244 -25.62 -7.36 -6.64
C CYS C 244 -24.24 -7.39 -6.01
N SER C 245 -24.11 -6.74 -4.86
CA SER C 245 -22.83 -6.70 -4.15
C SER C 245 -23.08 -6.89 -2.66
N ILE C 246 -22.81 -8.09 -2.17
CA ILE C 246 -22.97 -8.43 -0.75
C ILE C 246 -21.59 -8.74 -0.20
N ASN C 247 -21.16 -7.96 0.79
CA ASN C 247 -19.82 -8.09 1.38
C ASN C 247 -18.74 -8.04 0.30
N SER C 248 -18.87 -7.07 -0.59
CA SER C 248 -17.92 -6.83 -1.69
C SER C 248 -17.75 -8.09 -2.54
N GLY C 249 -18.83 -8.43 -3.25
CA GLY C 249 -18.82 -9.57 -4.15
C GLY C 249 -19.62 -9.27 -5.39
N LEU C 250 -19.49 -10.15 -6.37
CA LEU C 250 -20.21 -10.06 -7.63
C LEU C 250 -21.21 -11.21 -7.71
N HIS C 251 -22.46 -10.92 -7.37
CA HIS C 251 -23.50 -11.93 -7.30
C HIS C 251 -24.66 -11.58 -8.22
N SER C 252 -25.28 -12.62 -8.78
CA SER C 252 -26.42 -12.47 -9.68
C SER C 252 -26.06 -11.56 -10.86
N TYR C 253 -24.86 -11.76 -11.40
CA TYR C 253 -24.39 -10.98 -12.53
C TYR C 253 -25.16 -11.39 -13.78
N MET C 254 -25.73 -10.41 -14.48
CA MET C 254 -26.48 -10.65 -15.69
C MET C 254 -26.21 -9.54 -16.70
N GLU C 255 -26.07 -9.92 -17.97
CA GLU C 255 -25.97 -8.97 -19.07
C GLU C 255 -27.19 -9.13 -19.97
N MET C 256 -27.81 -8.00 -20.32
CA MET C 256 -29.00 -8.00 -21.15
C MET C 256 -28.86 -6.96 -22.25
N PRO C 257 -29.10 -7.32 -23.51
CA PRO C 257 -28.96 -6.33 -24.59
C PRO C 257 -30.11 -5.33 -24.62
N LEU C 258 -29.77 -4.08 -24.92
CA LEU C 258 -30.73 -3.00 -25.09
C LEU C 258 -30.82 -2.63 -26.57
N GLU C 259 -32.03 -2.30 -27.01
CA GLU C 259 -32.25 -1.91 -28.40
C GLU C 259 -33.14 -0.68 -28.46
N CYS C 260 -32.66 0.36 -29.14
CA CYS C 260 -33.40 1.60 -29.33
C CYS C 260 -33.71 1.73 -30.82
N ILE C 261 -34.97 1.52 -31.19
CA ILE C 261 -35.37 1.43 -32.58
C ILE C 261 -36.12 2.69 -32.99
N LEU C 262 -36.11 2.96 -34.29
CA LEU C 262 -36.90 4.01 -34.91
C LEU C 262 -37.79 3.35 -35.96
N THR C 263 -39.08 3.21 -35.64
CA THR C 263 -40.00 2.47 -36.49
C THR C 263 -40.28 3.17 -37.83
N GLU C 264 -39.79 4.38 -38.03
CA GLU C 264 -39.99 5.10 -39.29
C GLU C 264 -38.92 4.76 -40.31
N LYS C 272 -37.06 -1.63 -42.77
CA LYS C 272 -38.22 -1.41 -41.92
C LYS C 272 -37.88 -0.50 -40.75
N LYS C 273 -37.43 -1.11 -39.65
CA LYS C 273 -37.10 -0.40 -38.43
C LYS C 273 -35.58 -0.42 -38.25
N GLU C 274 -34.99 0.77 -38.19
CA GLU C 274 -33.55 0.91 -37.95
C GLU C 274 -33.26 0.92 -36.46
N VAL C 275 -32.11 0.37 -36.09
CA VAL C 275 -31.69 0.27 -34.70
C VAL C 275 -30.44 1.13 -34.51
N PHE C 276 -30.41 1.85 -33.39
CA PHE C 276 -29.26 2.65 -32.99
C PHE C 276 -28.60 1.89 -31.84
N ASN C 277 -27.55 1.12 -32.17
CA ASN C 277 -27.05 0.08 -31.30
C ASN C 277 -25.77 0.46 -30.56
N ILE C 278 -25.45 1.76 -30.47
CA ILE C 278 -24.22 2.20 -29.81
C ILE C 278 -24.56 3.37 -28.90
N LEU C 279 -24.54 3.13 -27.59
CA LEU C 279 -24.85 4.17 -26.62
C LEU C 279 -23.70 5.17 -26.54
N GLN C 280 -24.04 6.45 -26.59
CA GLN C 280 -23.03 7.51 -26.51
C GLN C 280 -23.01 8.21 -25.15
N ALA C 281 -24.13 8.21 -24.43
CA ALA C 281 -24.21 8.84 -23.12
C ALA C 281 -25.56 8.48 -22.52
N ALA C 282 -25.63 8.54 -21.19
CA ALA C 282 -26.86 8.22 -20.47
C ALA C 282 -26.96 9.07 -19.22
N TYR C 283 -28.13 9.04 -18.60
CA TYR C 283 -28.39 9.81 -17.38
C TYR C 283 -29.65 9.27 -16.72
N VAL C 284 -29.56 8.91 -15.44
CA VAL C 284 -30.71 8.41 -14.71
C VAL C 284 -31.36 9.56 -13.97
N SER C 285 -32.68 9.65 -14.05
CA SER C 285 -33.40 10.79 -13.49
C SER C 285 -34.85 10.36 -13.23
N LYS C 286 -35.51 11.15 -12.43
CA LYS C 286 -36.93 10.84 -12.31
C LYS C 286 -37.73 11.68 -13.31
N PRO C 287 -38.87 11.19 -13.80
CA PRO C 287 -39.58 11.88 -14.87
C PRO C 287 -40.55 12.93 -14.36
N GLY C 288 -40.86 13.88 -15.25
CA GLY C 288 -41.98 14.77 -15.02
C GLY C 288 -43.30 14.06 -15.26
N ALA C 289 -44.39 14.69 -14.79
CA ALA C 289 -45.68 14.01 -14.75
C ALA C 289 -46.12 13.55 -16.13
N GLN C 290 -45.99 14.40 -17.14
CA GLN C 290 -46.46 14.07 -18.48
C GLN C 290 -45.74 12.83 -19.02
N LEU C 291 -44.42 12.92 -19.17
CA LEU C 291 -43.66 11.77 -19.64
C LEU C 291 -43.88 10.55 -18.75
N ALA C 292 -44.07 10.77 -17.44
CA ALA C 292 -44.28 9.66 -16.52
C ALA C 292 -45.53 8.87 -16.88
N ARG C 293 -46.65 9.57 -17.07
CA ARG C 293 -47.86 8.87 -17.50
C ARG C 293 -47.75 8.37 -18.94
N GLN C 294 -46.77 8.88 -19.71
CA GLN C 294 -46.59 8.43 -21.08
C GLN C 294 -45.78 7.14 -21.19
N ILE C 295 -45.05 6.75 -20.14
CA ILE C 295 -44.23 5.55 -20.18
C ILE C 295 -44.61 4.57 -19.06
N GLY C 296 -45.81 4.71 -18.50
CA GLY C 296 -46.28 3.80 -17.48
C GLY C 296 -45.46 3.82 -16.21
N ALA C 297 -44.89 4.97 -15.86
CA ALA C 297 -44.05 5.09 -14.68
C ALA C 297 -44.72 6.00 -13.66
N SER C 298 -44.15 6.01 -12.46
CA SER C 298 -44.59 6.88 -11.38
C SER C 298 -43.59 8.01 -11.20
N LEU C 299 -44.00 9.01 -10.42
CA LEU C 299 -43.19 10.21 -10.27
C LEU C 299 -41.89 9.93 -9.53
N ASN C 300 -41.87 8.92 -8.68
CA ASN C 300 -40.69 8.60 -7.87
C ASN C 300 -39.80 7.54 -8.52
N ASP C 301 -40.19 6.98 -9.65
CA ASP C 301 -39.43 5.92 -10.28
C ASP C 301 -38.21 6.47 -11.00
N ASP C 302 -37.14 5.68 -11.02
CA ASP C 302 -35.92 6.04 -11.73
C ASP C 302 -36.01 5.60 -13.17
N ILE C 303 -35.74 6.53 -14.09
CA ILE C 303 -35.73 6.27 -15.52
C ILE C 303 -34.30 6.44 -16.03
N LEU C 304 -33.88 5.54 -16.91
CA LEU C 304 -32.59 5.61 -17.57
C LEU C 304 -32.78 6.26 -18.94
N PHE C 305 -32.29 7.48 -19.10
CA PHE C 305 -32.33 8.15 -20.39
C PHE C 305 -31.04 7.87 -21.16
N GLY C 306 -31.18 7.40 -22.38
CA GLY C 306 -30.03 7.01 -23.18
C GLY C 306 -30.04 7.63 -24.55
N VAL C 307 -28.86 8.04 -25.02
CA VAL C 307 -28.68 8.60 -26.35
C VAL C 307 -27.88 7.60 -27.17
N PHE C 308 -28.49 7.10 -28.24
CA PHE C 308 -27.90 6.05 -29.07
C PHE C 308 -27.55 6.59 -30.46
N ALA C 309 -26.72 5.82 -31.16
CA ALA C 309 -26.30 6.16 -32.51
C ALA C 309 -26.20 4.87 -33.33
N GLN C 310 -26.21 5.04 -34.66
CA GLN C 310 -26.14 3.91 -35.57
C GLN C 310 -24.69 3.61 -35.96
N SER C 311 -24.35 2.34 -35.99
CA SER C 311 -22.97 1.93 -36.23
C SER C 311 -22.66 1.89 -37.72
N LYS C 312 -21.45 2.32 -38.06
CA LYS C 312 -20.92 2.01 -39.37
C LYS C 312 -20.82 0.50 -39.51
N PRO C 313 -21.19 -0.06 -40.66
CA PRO C 313 -21.38 -1.52 -40.77
C PRO C 313 -20.16 -2.31 -40.30
N ASP C 314 -20.44 -3.36 -39.53
CA ASP C 314 -19.42 -4.26 -38.99
C ASP C 314 -18.36 -3.51 -38.19
N SER C 315 -18.77 -2.44 -37.52
CA SER C 315 -17.85 -1.66 -36.70
C SER C 315 -18.61 -1.09 -35.51
N ALA C 316 -17.84 -0.57 -34.56
CA ALA C 316 -18.40 0.11 -33.39
C ALA C 316 -18.26 1.63 -33.50
N GLU C 317 -17.89 2.14 -34.67
CA GLU C 317 -17.81 3.58 -34.90
C GLU C 317 -19.19 4.09 -35.32
N PRO C 318 -19.73 5.09 -34.64
CA PRO C 318 -21.07 5.59 -34.97
C PRO C 318 -21.04 6.67 -36.04
N MET C 319 -22.07 6.67 -36.87
CA MET C 319 -22.29 7.74 -37.83
C MET C 319 -23.18 8.81 -37.22
N ASP C 320 -23.30 9.94 -37.92
CA ASP C 320 -24.08 11.08 -37.43
C ASP C 320 -25.59 10.81 -37.60
N ARG C 321 -26.06 9.79 -36.87
CA ARG C 321 -27.47 9.44 -36.82
C ARG C 321 -27.77 9.02 -35.39
N SER C 322 -28.58 9.81 -34.68
CA SER C 322 -28.78 9.61 -33.25
C SER C 322 -30.24 9.29 -32.93
N ALA C 323 -30.47 8.97 -31.66
CA ALA C 323 -31.78 8.61 -31.16
C ALA C 323 -31.75 8.72 -29.63
N MET C 324 -32.93 8.64 -29.03
CA MET C 324 -33.09 8.87 -27.59
C MET C 324 -34.17 7.96 -27.04
N CYS C 325 -33.81 7.14 -26.05
CA CYS C 325 -34.71 6.14 -25.52
C CYS C 325 -34.75 6.20 -24.00
N ALA C 326 -35.93 5.91 -23.45
CA ALA C 326 -36.15 5.93 -22.01
C ALA C 326 -36.43 4.51 -21.52
N PHE C 327 -35.71 4.09 -20.48
CA PHE C 327 -35.84 2.76 -19.91
C PHE C 327 -36.14 2.89 -18.42
N PRO C 328 -37.40 2.80 -18.00
CA PRO C 328 -37.70 2.81 -16.57
C PRO C 328 -37.03 1.64 -15.87
N ILE C 329 -36.35 1.93 -14.76
CA ILE C 329 -35.51 0.92 -14.13
C ILE C 329 -36.37 -0.22 -13.56
N LYS C 330 -37.56 0.11 -13.06
CA LYS C 330 -38.43 -0.95 -12.57
C LYS C 330 -38.83 -1.90 -13.69
N TYR C 331 -39.03 -1.37 -14.90
CA TYR C 331 -39.32 -2.24 -16.05
C TYR C 331 -38.10 -3.06 -16.44
N VAL C 332 -36.89 -2.53 -16.21
CA VAL C 332 -35.68 -3.31 -16.46
C VAL C 332 -35.59 -4.50 -15.51
N ASN C 333 -35.77 -4.23 -14.22
CA ASN C 333 -35.74 -5.30 -13.22
C ASN C 333 -36.80 -6.35 -13.50
N ASP C 334 -38.04 -5.91 -13.76
CA ASP C 334 -39.10 -6.84 -14.09
C ASP C 334 -38.78 -7.64 -15.36
N PHE C 335 -38.10 -7.02 -16.33
CA PHE C 335 -37.69 -7.76 -17.51
C PHE C 335 -36.64 -8.81 -17.18
N PHE C 336 -35.76 -8.52 -16.21
CA PHE C 336 -34.81 -9.52 -15.75
C PHE C 336 -35.52 -10.68 -15.06
N ASN C 337 -36.53 -10.39 -14.25
CA ASN C 337 -37.14 -11.40 -13.41
C ASN C 337 -38.24 -12.21 -14.10
N LYS C 338 -38.85 -11.69 -15.17
CA LYS C 338 -39.97 -12.36 -15.81
C LYS C 338 -39.63 -13.04 -17.13
N ILE C 339 -38.83 -12.40 -17.98
CA ILE C 339 -38.55 -12.95 -19.30
C ILE C 339 -37.74 -14.24 -19.21
N VAL C 340 -37.01 -14.45 -18.11
CA VAL C 340 -36.19 -15.63 -17.94
C VAL C 340 -37.01 -16.89 -18.17
N ASN C 341 -36.50 -17.76 -19.05
CA ASN C 341 -37.11 -19.06 -19.31
C ASN C 341 -36.03 -20.07 -19.72
N LYS C 342 -36.39 -21.06 -20.54
CA LYS C 342 -35.48 -22.11 -20.95
C LYS C 342 -34.97 -21.92 -22.37
N ASN C 343 -34.78 -20.66 -22.80
CA ASN C 343 -34.27 -20.40 -24.15
C ASN C 343 -33.65 -19.02 -24.25
N ASN C 344 -34.12 -18.07 -23.44
CA ASN C 344 -33.59 -16.71 -23.49
C ASN C 344 -32.28 -16.59 -22.73
N VAL C 345 -32.13 -17.31 -21.61
CA VAL C 345 -30.93 -17.19 -20.79
C VAL C 345 -29.81 -18.04 -21.37
N ARG C 346 -28.59 -17.54 -21.20
CA ARG C 346 -27.39 -18.12 -21.78
C ARG C 346 -26.26 -17.96 -20.77
N CYS C 347 -25.17 -18.67 -20.98
CA CYS C 347 -24.00 -18.47 -20.15
C CYS C 347 -23.17 -17.30 -20.69
N LEU C 348 -22.41 -16.68 -19.81
CA LEU C 348 -21.55 -15.56 -20.21
C LEU C 348 -20.47 -16.10 -21.15
N GLN C 349 -20.51 -15.65 -22.41
CA GLN C 349 -19.65 -16.25 -23.43
C GLN C 349 -18.20 -15.84 -23.28
N HIS C 350 -17.93 -14.62 -22.81
CA HIS C 350 -16.55 -14.16 -22.68
C HIS C 350 -15.94 -14.48 -21.31
N PHE C 351 -16.77 -14.73 -20.29
CA PHE C 351 -16.24 -15.08 -18.97
C PHE C 351 -15.84 -16.55 -18.94
N TYR C 352 -16.82 -17.45 -18.98
CA TYR C 352 -16.52 -18.85 -19.24
C TYR C 352 -16.10 -19.03 -20.70
N GLY C 353 -15.75 -20.25 -21.06
CA GLY C 353 -15.50 -20.58 -22.44
C GLY C 353 -16.80 -20.76 -23.19
N PRO C 354 -16.74 -20.72 -24.52
CA PRO C 354 -17.94 -21.08 -25.31
C PRO C 354 -18.37 -22.51 -25.09
N ASN C 355 -17.45 -23.39 -24.68
CA ASN C 355 -17.73 -24.80 -24.41
C ASN C 355 -17.20 -25.13 -23.00
N HIS C 356 -17.95 -24.69 -21.99
CA HIS C 356 -17.60 -24.86 -20.60
C HIS C 356 -18.57 -25.82 -19.92
N GLU C 357 -18.13 -26.37 -18.78
CA GLU C 357 -18.98 -27.30 -18.04
C GLU C 357 -20.21 -26.60 -17.48
N HIS C 358 -20.05 -25.36 -17.03
CA HIS C 358 -21.19 -24.61 -16.50
C HIS C 358 -22.13 -24.17 -17.62
N CYS C 359 -21.61 -23.91 -18.81
CA CYS C 359 -22.40 -23.45 -19.94
C CYS C 359 -23.20 -24.57 -20.58
N PHE C 360 -23.35 -25.72 -19.94
CA PHE C 360 -24.02 -26.85 -20.53
C PHE C 360 -25.16 -27.39 -19.68
N ASN C 361 -25.03 -27.38 -18.36
CA ASN C 361 -25.99 -28.09 -17.52
C ASN C 361 -26.13 -27.43 -16.15
N ARG C 362 -26.13 -26.09 -16.12
CA ARG C 362 -26.42 -25.36 -14.90
C ARG C 362 -27.44 -24.26 -15.21
N THR C 363 -28.44 -24.15 -14.35
CA THR C 363 -29.53 -23.21 -14.54
C THR C 363 -29.62 -22.26 -13.36
N LEU C 364 -30.11 -21.05 -13.62
CA LEU C 364 -30.35 -20.10 -12.55
C LEU C 364 -31.41 -20.66 -11.60
N LEU C 365 -31.08 -20.72 -10.32
CA LEU C 365 -32.01 -21.25 -9.34
C LEU C 365 -33.24 -20.36 -9.22
N ARG C 366 -34.41 -20.98 -9.10
CA ARG C 366 -35.67 -20.26 -8.96
C ARG C 366 -36.04 -20.01 -7.50
N ASN C 367 -35.27 -20.51 -6.54
CA ASN C 367 -35.33 -20.06 -5.14
C ASN C 367 -34.98 -18.58 -5.03
N SER C 368 -34.19 -18.05 -5.97
CA SER C 368 -33.77 -16.65 -5.98
C SER C 368 -34.92 -15.66 -5.78
N GLY C 370 -34.10 -12.25 -6.08
CA GLY C 370 -33.41 -11.66 -7.21
C GLY C 370 -31.98 -11.29 -6.92
N CYS C 371 -31.57 -11.39 -5.65
CA CYS C 371 -30.19 -11.13 -5.27
C CYS C 371 -29.83 -12.08 -4.12
N GLU C 372 -29.21 -13.19 -4.47
CA GLU C 372 -28.66 -14.12 -3.49
C GLU C 372 -27.18 -14.35 -3.80
N ALA C 373 -26.38 -14.49 -2.75
CA ALA C 373 -24.95 -14.73 -2.87
C ALA C 373 -24.67 -16.18 -2.51
N ARG C 374 -24.07 -16.91 -3.43
CA ARG C 374 -23.70 -18.30 -3.21
C ARG C 374 -22.21 -18.50 -3.46
N ARG C 375 -21.69 -19.63 -2.96
CA ARG C 375 -20.26 -19.91 -3.09
C ARG C 375 -19.86 -20.11 -4.55
N ASP C 376 -20.76 -20.68 -5.37
CA ASP C 376 -20.50 -20.91 -6.78
C ASP C 376 -21.51 -20.07 -7.57
N GLU C 377 -21.14 -18.82 -7.84
CA GLU C 377 -22.04 -17.87 -8.46
C GLU C 377 -22.13 -18.13 -9.97
N TYR C 378 -23.35 -18.01 -10.50
CA TYR C 378 -23.60 -18.20 -11.93
C TYR C 378 -23.75 -16.85 -12.60
N ARG C 379 -23.16 -16.71 -13.80
CA ARG C 379 -23.12 -15.46 -14.52
C ARG C 379 -23.69 -15.68 -15.92
N THR C 380 -24.82 -15.03 -16.20
CA THR C 380 -25.64 -15.33 -17.36
C THR C 380 -25.60 -14.18 -18.36
N GLU C 381 -26.32 -14.37 -19.47
CA GLU C 381 -26.34 -13.43 -20.58
C GLU C 381 -27.59 -13.69 -21.40
N PHE C 382 -28.38 -12.63 -21.64
CA PHE C 382 -29.68 -12.78 -22.27
C PHE C 382 -29.59 -12.80 -23.80
N THR C 383 -30.62 -13.39 -24.41
CA THR C 383 -30.77 -13.43 -25.86
C THR C 383 -31.77 -12.40 -26.37
N THR C 384 -32.98 -12.37 -25.80
CA THR C 384 -33.95 -11.35 -26.18
C THR C 384 -33.56 -10.00 -25.57
N ALA C 385 -33.71 -8.94 -26.36
CA ALA C 385 -33.30 -7.61 -25.96
C ALA C 385 -34.49 -6.82 -25.43
N LEU C 386 -34.18 -5.73 -24.74
CA LEU C 386 -35.20 -4.80 -24.25
C LEU C 386 -35.24 -3.62 -25.22
N GLN C 387 -36.33 -3.52 -25.98
CA GLN C 387 -36.47 -2.54 -27.03
C GLN C 387 -37.35 -1.38 -26.60
N ARG C 388 -36.99 -0.18 -27.06
CA ARG C 388 -37.81 1.01 -26.88
C ARG C 388 -37.78 1.83 -28.15
N VAL C 389 -38.83 2.59 -28.37
CA VAL C 389 -38.93 3.46 -29.54
C VAL C 389 -38.36 4.82 -29.19
N ASP C 390 -37.73 5.46 -30.18
CA ASP C 390 -37.15 6.78 -29.99
C ASP C 390 -38.23 7.79 -29.58
N LEU C 391 -37.93 8.59 -28.56
CA LEU C 391 -38.87 9.59 -28.08
C LEU C 391 -38.81 10.89 -28.88
N PHE C 392 -37.71 11.13 -29.60
CA PHE C 392 -37.64 12.27 -30.50
C PHE C 392 -38.11 11.94 -31.91
N MET C 393 -38.19 10.66 -32.24
CA MET C 393 -38.80 10.18 -33.49
C MET C 393 -38.14 10.79 -34.72
N GLY C 394 -36.81 10.68 -34.78
CA GLY C 394 -36.05 11.06 -35.94
C GLY C 394 -35.59 12.50 -36.00
N GLN C 395 -35.92 13.32 -35.00
CA GLN C 395 -35.52 14.72 -35.05
C GLN C 395 -34.00 14.87 -35.03
N PHE C 396 -33.30 13.98 -34.34
CA PHE C 396 -31.85 14.00 -34.28
C PHE C 396 -31.25 12.82 -35.04
N SER C 397 -31.98 12.31 -36.03
CA SER C 397 -31.53 11.18 -36.83
C SER C 397 -30.53 11.57 -37.90
N GLU C 398 -30.03 12.81 -37.89
CA GLU C 398 -28.98 13.19 -38.83
C GLU C 398 -27.87 14.00 -38.17
N VAL C 399 -27.74 13.92 -36.84
CA VAL C 399 -26.60 14.44 -36.10
C VAL C 399 -26.13 13.37 -35.12
N LEU C 400 -24.99 13.64 -34.50
CA LEU C 400 -24.40 12.73 -33.50
C LEU C 400 -24.49 13.40 -32.14
N LEU C 401 -25.46 12.98 -31.33
CA LEU C 401 -25.54 13.47 -29.96
C LEU C 401 -24.48 12.80 -29.11
N THR C 402 -23.86 13.57 -28.24
CA THR C 402 -22.77 13.07 -27.41
C THR C 402 -22.93 13.35 -25.92
N SER C 403 -23.93 14.13 -25.52
CA SER C 403 -24.14 14.41 -24.11
C SER C 403 -25.63 14.52 -23.82
N ILE C 404 -26.05 14.07 -22.65
CA ILE C 404 -27.44 14.20 -22.23
C ILE C 404 -27.51 14.37 -20.72
N SER C 405 -28.46 15.18 -20.28
CA SER C 405 -28.90 15.25 -18.89
C SER C 405 -30.37 15.59 -18.91
N THR C 406 -31.00 15.55 -17.74
CA THR C 406 -32.45 15.67 -17.66
C THR C 406 -32.86 16.42 -16.40
N PHE C 407 -33.84 17.30 -16.53
CA PHE C 407 -34.45 17.95 -15.38
C PHE C 407 -35.94 18.11 -15.62
N ILE C 408 -36.65 18.61 -14.61
CA ILE C 408 -38.10 18.73 -14.65
C ILE C 408 -38.47 20.20 -14.47
N LYS C 409 -39.30 20.71 -15.38
CA LYS C 409 -39.89 22.03 -15.27
C LYS C 409 -41.41 21.85 -15.23
N GLY C 410 -41.99 21.95 -14.05
CA GLY C 410 -43.42 21.74 -13.91
C GLY C 410 -43.78 20.29 -14.22
N ASP C 411 -44.75 20.11 -15.11
CA ASP C 411 -45.12 18.78 -15.59
C ASP C 411 -44.26 18.32 -16.76
N LEU C 412 -43.29 19.13 -17.17
CA LEU C 412 -42.48 18.85 -18.35
C LEU C 412 -41.15 18.22 -17.96
N THR C 413 -40.71 17.26 -18.77
CA THR C 413 -39.37 16.68 -18.64
C THR C 413 -38.52 17.24 -19.78
N ILE C 414 -37.45 17.95 -19.42
CA ILE C 414 -36.61 18.64 -20.38
C ILE C 414 -35.23 17.99 -20.41
N ALA C 415 -34.72 17.77 -21.61
CA ALA C 415 -33.45 17.12 -21.87
C ALA C 415 -32.43 18.13 -22.37
N ASN C 416 -31.22 18.07 -21.81
CA ASN C 416 -30.09 18.86 -22.28
C ASN C 416 -29.21 17.96 -23.11
N LEU C 417 -29.02 18.32 -24.37
CA LEU C 417 -28.31 17.50 -25.34
C LEU C 417 -27.10 18.25 -25.88
N GLY C 418 -26.03 17.51 -26.12
CA GLY C 418 -24.85 18.05 -26.76
C GLY C 418 -24.45 17.17 -27.92
N THR C 419 -24.04 17.81 -29.01
CA THR C 419 -23.79 17.14 -30.28
C THR C 419 -22.29 16.99 -30.55
N SER C 420 -21.99 16.23 -31.62
CA SER C 420 -20.62 16.06 -32.07
C SER C 420 -20.04 17.38 -32.60
N GLU C 421 -20.86 18.16 -33.30
CA GLU C 421 -20.37 19.41 -33.87
C GLU C 421 -20.10 20.47 -32.82
N GLY C 422 -20.44 20.21 -31.55
CA GLY C 422 -20.24 21.19 -30.50
C GLY C 422 -21.47 22.00 -30.15
N ARG C 423 -22.65 21.58 -30.60
CA ARG C 423 -23.88 22.31 -30.34
C ARG C 423 -24.48 21.85 -29.01
N PHE C 424 -25.02 22.81 -28.27
CA PHE C 424 -25.83 22.55 -27.09
C PHE C 424 -27.27 22.90 -27.39
N MET C 425 -28.20 22.08 -26.89
CA MET C 425 -29.61 22.34 -27.14
C MET C 425 -30.46 21.78 -26.01
N GLN C 426 -31.56 22.47 -25.72
CA GLN C 426 -32.53 22.03 -24.73
C GLN C 426 -33.84 21.71 -25.43
N VAL C 427 -34.36 20.50 -25.19
CA VAL C 427 -35.56 20.00 -25.84
C VAL C 427 -36.55 19.52 -24.78
N VAL C 428 -37.82 19.48 -25.14
CA VAL C 428 -38.87 18.95 -24.28
C VAL C 428 -39.16 17.51 -24.70
N VAL C 429 -39.10 16.59 -23.76
CA VAL C 429 -39.27 15.17 -24.02
C VAL C 429 -40.75 14.82 -23.87
N SER C 430 -41.37 14.42 -24.98
CA SER C 430 -42.76 13.96 -24.95
C SER C 430 -43.01 13.09 -26.17
N ARG C 431 -43.65 11.94 -25.96
CA ARG C 431 -43.96 11.05 -27.07
C ARG C 431 -45.01 11.67 -28.00
N SER C 432 -46.06 12.24 -27.42
CA SER C 432 -47.09 12.93 -28.19
C SER C 432 -46.74 14.41 -28.23
N GLY C 433 -46.12 14.84 -29.32
CA GLY C 433 -45.73 16.22 -29.47
C GLY C 433 -44.52 16.38 -30.36
N PRO C 434 -44.35 17.57 -30.94
CA PRO C 434 -43.17 17.84 -31.77
C PRO C 434 -41.93 17.98 -30.91
N SER C 435 -40.93 17.13 -31.16
CA SER C 435 -39.68 17.18 -30.42
C SER C 435 -38.76 18.22 -31.09
N THR C 436 -39.14 19.49 -30.96
CA THR C 436 -38.37 20.58 -31.54
C THR C 436 -37.62 21.31 -30.44
N PRO C 437 -36.30 21.43 -30.53
CA PRO C 437 -35.54 22.07 -29.45
C PRO C 437 -35.90 23.54 -29.30
N HIS C 438 -36.23 23.93 -28.08
CA HIS C 438 -36.48 25.33 -27.77
C HIS C 438 -35.20 26.08 -27.40
N VAL C 439 -34.09 25.38 -27.16
CA VAL C 439 -32.78 26.03 -27.07
C VAL C 439 -31.83 25.31 -28.01
N ASN C 440 -30.96 26.07 -28.68
CA ASN C 440 -30.06 25.53 -29.70
C ASN C 440 -29.00 26.56 -30.07
N PHE C 441 -27.76 26.35 -29.63
CA PHE C 441 -26.66 27.22 -30.02
C PHE C 441 -25.36 26.42 -30.06
N LEU C 442 -24.26 27.11 -30.34
CA LEU C 442 -22.95 26.50 -30.49
C LEU C 442 -22.09 26.87 -29.27
N LEU C 443 -21.78 25.87 -28.44
CA LEU C 443 -20.91 26.10 -27.29
C LEU C 443 -19.47 26.28 -27.72
N ASP C 444 -18.94 25.33 -28.49
CA ASP C 444 -17.54 25.36 -28.90
C ASP C 444 -17.39 24.56 -30.18
N SER C 445 -16.23 24.68 -30.83
CA SER C 445 -15.93 23.87 -32.00
C SER C 445 -15.63 22.43 -31.65
N HIS C 446 -15.28 22.13 -30.38
CA HIS C 446 -14.95 20.82 -29.88
C HIS C 446 -16.20 20.04 -29.48
N PRO C 447 -16.18 18.72 -29.60
CA PRO C 447 -17.37 17.94 -29.26
C PRO C 447 -17.70 18.06 -27.78
N VAL C 448 -18.98 17.87 -27.47
CA VAL C 448 -19.46 18.02 -26.09
C VAL C 448 -19.24 16.71 -25.35
N SER C 449 -18.57 16.80 -24.19
CA SER C 449 -18.24 15.60 -23.44
C SER C 449 -19.48 15.06 -22.72
N PRO C 450 -19.62 13.74 -22.61
CA PRO C 450 -20.77 13.17 -21.89
C PRO C 450 -20.72 13.39 -20.39
N GLU C 451 -19.56 13.72 -19.84
CA GLU C 451 -19.42 13.97 -18.41
C GLU C 451 -19.97 15.36 -18.10
N VAL C 452 -21.14 15.41 -17.46
CA VAL C 452 -21.83 16.67 -17.19
C VAL C 452 -22.39 16.63 -15.77
N ILE C 453 -22.77 17.81 -15.27
CA ILE C 453 -23.34 17.94 -13.93
C ILE C 453 -24.66 18.69 -14.03
N VAL C 454 -25.60 18.32 -13.16
CA VAL C 454 -26.87 19.03 -13.00
C VAL C 454 -27.07 19.32 -11.52
N GLU C 455 -27.17 20.60 -11.18
CA GLU C 455 -27.34 21.03 -9.80
C GLU C 455 -28.60 21.87 -9.68
N HIS C 456 -29.46 21.54 -8.72
CA HIS C 456 -30.71 22.24 -8.49
C HIS C 456 -30.58 23.15 -7.29
N THR C 457 -31.01 24.41 -7.45
CA THR C 457 -30.95 25.40 -6.39
C THR C 457 -32.24 26.21 -6.38
N LEU C 458 -32.65 26.62 -5.19
CA LEU C 458 -33.88 27.40 -4.98
C LEU C 458 -35.04 26.57 -5.50
N ASN C 459 -35.91 27.08 -6.38
CA ASN C 459 -37.09 26.38 -6.86
C ASN C 459 -36.88 26.00 -8.33
N GLN C 460 -36.35 24.80 -8.54
CA GLN C 460 -36.14 24.23 -9.88
C GLN C 460 -35.28 25.11 -10.77
N ASN C 461 -34.58 26.08 -10.20
CA ASN C 461 -33.77 27.04 -10.96
C ASN C 461 -32.30 26.79 -10.63
N GLY C 462 -31.75 25.75 -11.25
CA GLY C 462 -30.36 25.42 -11.07
C GLY C 462 -29.53 25.64 -12.32
N TYR C 463 -28.56 24.78 -12.55
CA TYR C 463 -27.65 24.90 -13.69
C TYR C 463 -27.12 23.52 -14.06
N THR C 464 -26.35 23.48 -15.14
CA THR C 464 -25.68 22.26 -15.59
C THR C 464 -24.29 22.63 -16.07
N LEU C 465 -23.29 21.86 -15.65
CA LEU C 465 -21.92 22.05 -16.10
C LEU C 465 -21.67 21.15 -17.30
N VAL C 466 -21.22 21.75 -18.40
CA VAL C 466 -21.03 21.07 -19.68
C VAL C 466 -19.60 21.28 -20.14
N ILE C 467 -18.97 20.22 -20.66
CA ILE C 467 -17.54 20.21 -20.97
C ILE C 467 -17.35 20.09 -22.48
N THR C 468 -16.49 20.95 -23.02
CA THR C 468 -16.09 20.92 -24.42
C THR C 468 -14.58 21.21 -24.48
N GLY C 469 -13.80 20.19 -24.85
CA GLY C 469 -12.37 20.38 -24.97
C GLY C 469 -11.74 20.80 -23.66
N LYS C 470 -10.92 21.85 -23.70
CA LYS C 470 -10.27 22.38 -22.51
C LYS C 470 -11.17 23.32 -21.71
N LYS C 471 -12.41 23.52 -22.14
CA LYS C 471 -13.29 24.52 -21.54
C LYS C 471 -14.50 23.84 -20.92
N ILE C 472 -14.94 24.35 -19.76
CA ILE C 472 -16.18 23.93 -19.13
C ILE C 472 -17.04 25.16 -18.89
N THR C 473 -18.34 25.03 -19.13
CA THR C 473 -19.26 26.14 -19.07
C THR C 473 -20.43 25.82 -18.16
N LYS C 474 -20.85 26.81 -17.38
CA LYS C 474 -22.04 26.70 -16.53
C LYS C 474 -23.22 27.27 -17.29
N ILE C 475 -24.22 26.43 -17.54
CA ILE C 475 -25.36 26.77 -18.38
C ILE C 475 -26.61 26.73 -17.52
N PRO C 476 -27.39 27.80 -17.45
CA PRO C 476 -28.60 27.79 -16.63
C PRO C 476 -29.68 26.91 -17.25
N LEU C 477 -30.45 26.26 -16.38
CA LEU C 477 -31.49 25.35 -16.84
C LEU C 477 -32.73 26.06 -17.39
N ASN C 478 -32.85 27.37 -17.20
CA ASN C 478 -34.01 28.11 -17.64
C ASN C 478 -33.61 29.49 -18.11
N GLY C 479 -34.38 30.02 -19.07
CA GLY C 479 -34.21 31.38 -19.53
C GLY C 479 -33.40 31.55 -20.80
N LEU C 480 -32.75 30.48 -21.29
CA LEU C 480 -31.96 30.59 -22.50
C LEU C 480 -32.82 30.57 -23.76
N GLY C 481 -34.04 30.07 -23.69
CA GLY C 481 -34.93 30.13 -24.84
C GLY C 481 -35.32 31.54 -25.22
N CYS C 482 -35.26 32.48 -24.29
CA CYS C 482 -35.60 33.87 -24.58
C CYS C 482 -34.46 34.62 -25.26
N ARG C 483 -33.21 34.26 -24.95
CA ARG C 483 -32.06 35.11 -25.27
C ARG C 483 -31.66 35.05 -26.74
N HIS C 484 -32.53 34.55 -27.62
CA HIS C 484 -32.27 34.60 -29.05
C HIS C 484 -33.34 35.37 -29.82
N PHE C 485 -34.39 35.83 -29.15
CA PHE C 485 -35.37 36.71 -29.76
C PHE C 485 -34.87 38.15 -29.72
N GLN C 486 -35.10 38.90 -30.80
CA GLN C 486 -34.61 40.26 -30.91
C GLN C 486 -35.72 41.28 -31.10
N SER C 487 -36.98 40.87 -30.96
CA SER C 487 -38.11 41.77 -31.10
C SER C 487 -39.21 41.38 -30.14
N CYS C 488 -39.89 42.37 -29.57
CA CYS C 488 -40.94 42.10 -28.58
C CYS C 488 -42.10 41.34 -29.19
N SER C 489 -42.45 41.64 -30.45
CA SER C 489 -43.47 40.85 -31.13
C SER C 489 -43.05 39.40 -31.29
N GLN C 490 -41.74 39.12 -31.30
CA GLN C 490 -41.24 37.76 -31.33
C GLN C 490 -41.07 37.19 -29.93
N CYS C 491 -40.61 38.01 -28.99
CA CYS C 491 -40.51 37.58 -27.59
C CYS C 491 -41.87 37.18 -27.04
N LEU C 492 -42.95 37.73 -27.59
CA LEU C 492 -44.28 37.36 -27.15
C LEU C 492 -44.70 35.99 -27.67
N SER C 493 -44.08 35.51 -28.74
CA SER C 493 -44.45 34.25 -29.37
C SER C 493 -43.69 33.06 -28.80
N ALA C 494 -42.90 33.27 -27.75
CA ALA C 494 -42.15 32.18 -27.16
C ALA C 494 -43.11 31.13 -26.60
N PRO C 495 -42.70 29.86 -26.57
CA PRO C 495 -43.55 28.84 -25.98
C PRO C 495 -43.86 29.18 -24.53
N PRO C 496 -45.06 28.83 -24.05
CA PRO C 496 -45.52 29.36 -22.76
C PRO C 496 -44.67 28.96 -21.57
N PHE C 497 -44.03 27.77 -21.62
CA PHE C 497 -43.30 27.29 -20.45
C PHE C 497 -41.97 28.00 -20.23
N VAL C 498 -41.41 28.63 -21.26
CA VAL C 498 -40.17 29.37 -21.08
C VAL C 498 -40.40 30.66 -20.30
N GLN C 499 -41.62 31.19 -20.31
CA GLN C 499 -41.99 32.37 -19.51
C GLN C 499 -41.12 33.57 -19.88
N CYS C 500 -41.11 33.90 -21.17
CA CYS C 500 -40.33 35.02 -21.66
C CYS C 500 -41.13 36.31 -21.61
N GLY C 501 -40.42 37.43 -21.61
CA GLY C 501 -41.02 38.74 -21.64
C GLY C 501 -40.02 39.76 -22.12
N TRP C 502 -40.52 40.92 -22.54
CA TRP C 502 -39.70 41.95 -23.15
C TRP C 502 -39.29 42.99 -22.10
N CYS C 503 -37.99 43.08 -21.85
CA CYS C 503 -37.39 44.09 -20.96
C CYS C 503 -36.76 45.16 -21.84
N HIS C 504 -37.54 46.21 -22.14
CA HIS C 504 -37.11 47.36 -22.93
C HIS C 504 -36.45 46.99 -24.25
N ASP C 505 -35.24 46.43 -24.19
CA ASP C 505 -34.47 46.11 -25.38
C ASP C 505 -34.08 44.64 -25.50
N LYS C 506 -34.33 43.83 -24.48
CA LYS C 506 -33.92 42.43 -24.47
C LYS C 506 -35.12 41.54 -24.16
N CYS C 507 -34.97 40.26 -24.46
CA CYS C 507 -36.00 39.26 -24.21
C CYS C 507 -35.48 38.29 -23.17
N VAL C 508 -36.03 38.36 -21.95
CA VAL C 508 -35.60 37.55 -20.82
C VAL C 508 -36.83 37.15 -20.03
N ARG C 509 -36.61 36.46 -18.92
CA ARG C 509 -37.70 36.13 -18.00
C ARG C 509 -37.70 37.11 -16.85
N SER C 510 -38.83 37.13 -16.12
CA SER C 510 -39.05 38.15 -15.09
C SER C 510 -37.94 38.16 -14.04
N GLU C 511 -37.26 37.03 -13.85
CA GLU C 511 -36.15 36.99 -12.90
C GLU C 511 -34.96 37.81 -13.38
N GLU C 512 -34.77 37.91 -14.69
CA GLU C 512 -33.60 38.57 -15.26
C GLU C 512 -33.87 40.02 -15.66
N CYS C 513 -35.08 40.52 -15.50
CA CYS C 513 -35.41 41.91 -15.80
C CYS C 513 -35.30 42.68 -14.49
N LEU C 514 -34.15 43.33 -14.28
CA LEU C 514 -33.83 43.93 -12.99
C LEU C 514 -34.58 45.24 -12.78
N SER C 515 -34.41 46.19 -13.69
CA SER C 515 -35.12 47.45 -13.65
C SER C 515 -35.84 47.68 -14.96
N GLY C 516 -36.79 48.61 -14.96
CA GLY C 516 -37.55 48.91 -16.15
C GLY C 516 -38.88 48.21 -16.21
N THR C 517 -39.35 47.92 -17.42
CA THR C 517 -40.65 47.31 -17.63
C THR C 517 -40.50 45.94 -18.27
N TRP C 518 -41.32 44.99 -17.81
CA TRP C 518 -41.33 43.63 -18.33
C TRP C 518 -42.76 43.31 -18.74
N THR C 519 -42.96 43.02 -20.02
CA THR C 519 -44.29 42.80 -20.56
C THR C 519 -44.41 41.38 -21.12
N GLN C 520 -45.59 40.80 -20.95
CA GLN C 520 -45.87 39.48 -21.50
C GLN C 520 -47.24 39.40 -22.15
N GLN C 521 -47.97 40.52 -22.26
CA GLN C 521 -49.34 40.53 -22.74
C GLN C 521 -49.48 41.19 -24.09
N ILE C 522 -49.18 42.50 -24.20
CA ILE C 522 -49.36 43.25 -25.44
C ILE C 522 -47.99 43.62 -26.01
N CYS C 523 -47.95 43.79 -27.32
CA CYS C 523 -46.79 44.40 -27.97
C CYS C 523 -47.30 45.35 -29.06
N LEU C 524 -46.65 46.51 -29.17
CA LEU C 524 -47.09 47.59 -30.05
C LEU C 524 -46.01 47.86 -31.09
N PRO C 525 -46.08 47.22 -32.26
CA PRO C 525 -45.06 47.45 -33.29
C PRO C 525 -45.17 48.82 -33.93
N ALA C 526 -44.27 49.12 -34.86
CA ALA C 526 -44.23 50.42 -35.54
C ALA C 526 -44.50 50.24 -37.03
N HIS C 527 -45.11 51.25 -37.63
CA HIS C 527 -45.44 51.22 -39.05
C HIS C 527 -44.92 52.45 -39.77
C1 NAG D . -16.42 33.26 -20.83
C2 NAG D . -16.95 34.14 -21.94
C3 NAG D . -16.07 35.38 -22.06
C4 NAG D . -15.83 36.05 -20.71
C5 NAG D . -15.50 35.04 -19.62
C6 NAG D . -15.54 35.63 -18.22
C7 NAG D . -18.10 32.80 -23.65
C8 NAG D . -17.96 32.10 -24.97
N2 NAG D . -17.00 33.42 -23.19
O3 NAG D . -16.69 36.31 -22.96
O4 NAG D . -14.70 36.91 -20.83
O5 NAG D . -16.44 33.96 -19.62
O6 NAG D . -15.42 34.63 -17.23
O7 NAG D . -19.14 32.79 -23.01
C1 NAG D . -15.02 38.28 -20.55
C2 NAG D . -13.71 39.04 -20.39
C3 NAG D . -13.99 40.54 -20.17
C4 NAG D . -14.90 41.07 -21.26
C5 NAG D . -16.15 40.21 -21.37
C6 NAG D . -17.06 40.61 -22.51
C7 NAG D . -11.60 38.53 -19.22
C8 NAG D . -10.97 37.93 -18.00
N2 NAG D . -12.93 38.50 -19.28
O3 NAG D . -12.76 41.25 -20.16
O4 NAG D . -15.26 42.41 -20.98
O5 NAG D . -15.78 38.84 -21.60
O6 NAG D . -18.07 39.65 -22.74
O7 NAG D . -10.92 39.02 -20.14
C1 NAG E . 21.91 5.19 -17.08
C2 NAG E . 23.40 5.29 -16.85
C3 NAG E . 24.09 5.85 -18.09
C4 NAG E . 23.65 5.13 -19.36
C5 NAG E . 22.15 4.87 -19.40
C6 NAG E . 21.74 3.86 -20.45
C7 NAG E . 24.21 5.65 -14.55
C8 NAG E . 24.48 4.17 -14.52
N2 NAG E . 23.70 6.13 -15.69
O3 NAG E . 25.51 5.73 -17.94
O4 NAG E . 23.93 5.99 -20.46
O5 NAG E . 21.66 4.35 -18.16
O6 NAG E . 21.64 4.46 -21.75
O7 NAG E . 24.45 6.38 -13.60
C1 NAG E . 24.83 5.41 -21.42
C2 NAG E . 25.22 6.53 -22.40
C3 NAG E . 26.25 6.02 -23.40
C4 NAG E . 27.42 5.37 -22.69
C5 NAG E . 26.92 4.29 -21.74
C6 NAG E . 28.02 3.65 -20.92
C7 NAG E . 23.65 8.33 -22.97
C8 NAG E . 22.42 8.69 -23.74
N2 NAG E . 24.05 7.06 -23.07
O3 NAG E . 26.70 7.11 -24.21
O4 NAG E . 28.30 4.78 -23.64
O5 NAG E . 26.00 4.88 -20.80
O6 NAG E . 27.60 2.41 -20.39
O7 NAG E . 24.25 9.14 -22.28
C1 FUC E . 20.29 4.39 -22.29
C2 FUC E . 20.00 3.08 -23.08
C3 FUC E . 18.90 2.27 -22.43
C4 FUC E . 17.65 3.13 -22.36
C5 FUC E . 17.90 4.35 -21.46
C6 FUC E . 17.12 5.60 -21.89
O2 FUC E . 21.17 2.30 -23.28
O3 FUC E . 18.60 1.13 -23.22
O4 FUC E . 17.28 3.56 -23.65
O5 FUC E . 19.30 4.76 -21.31
C1 NAG F . -2.53 -1.12 -27.19
C2 NAG F . -1.47 -1.29 -28.28
C3 NAG F . -0.53 -0.08 -28.24
C4 NAG F . -1.29 1.24 -28.16
C5 NAG F . -2.50 1.18 -27.22
C6 NAG F . -3.44 2.37 -27.37
C7 NAG F . 0.13 -2.98 -29.06
C8 NAG F . 0.81 -4.28 -28.75
N2 NAG F . -0.74 -2.54 -28.14
O3 NAG F . 0.32 -0.09 -29.40
O4 NAG F . -0.42 2.23 -27.62
O5 NAG F . -3.28 0.01 -27.46
O6 NAG F . -3.34 2.98 -28.66
O7 NAG F . 0.37 -2.36 -30.09
C1 NAG F . -0.06 3.24 -28.58
C2 NAG F . 0.65 4.39 -27.82
C3 NAG F . 1.27 5.41 -28.79
C4 NAG F . 2.12 4.70 -29.83
C5 NAG F . 1.30 3.62 -30.52
C6 NAG F . 2.09 2.84 -31.54
C7 NAG F . -1.33 5.73 -26.97
C8 NAG F . -1.86 5.91 -28.36
N2 NAG F . -0.19 5.03 -26.81
O3 NAG F . 2.07 6.32 -28.05
O4 NAG F . 2.58 5.64 -30.79
O5 NAG F . 0.82 2.68 -29.55
O6 NAG F . 3.05 2.00 -30.91
O7 NAG F . -1.93 6.22 -26.00
C1 NAG G . -31.70 -20.92 -1.60
C2 NAG G . -31.67 -20.88 -0.05
C3 NAG G . -30.43 -21.63 0.52
C4 NAG G . -30.12 -22.93 -0.23
C5 NAG G . -30.27 -22.76 -1.73
C6 NAG G . -30.18 -24.07 -2.48
C7 NAG G . -30.84 -18.51 0.34
C8 NAG G . -29.59 -18.77 -0.47
N2 NAG G . -31.74 -19.51 0.47
O3 NAG G . -30.61 -21.90 1.91
O4 NAG G . -28.73 -23.21 -0.07
O5 NAG G . -31.54 -22.21 -2.03
O6 NAG G . -31.17 -25.00 -2.07
O7 NAG G . -31.05 -17.40 0.85
C1 NAG G . -28.42 -24.17 0.95
C2 NAG G . -27.08 -24.83 0.57
C3 NAG G . -26.66 -25.79 1.69
C4 NAG G . -26.58 -25.07 3.02
C5 NAG G . -27.91 -24.37 3.33
C6 NAG G . -27.81 -23.48 4.56
C7 NAG G . -27.02 -24.91 -1.91
C8 NAG G . -27.14 -25.80 -3.10
N2 NAG G . -27.17 -25.51 -0.71
O3 NAG G . -25.42 -26.44 1.39
O4 NAG G . -26.28 -26.00 4.07
O5 NAG G . -28.29 -23.53 2.24
O6 NAG G . -26.97 -24.04 5.55
O7 NAG G . -26.81 -23.71 -2.01
C1 FUC G . -30.63 -26.30 -2.39
C2 FUC G . -31.05 -27.40 -1.40
C3 FUC G . -31.85 -28.48 -2.08
C4 FUC G . -31.03 -29.03 -3.23
C5 FUC G . -30.83 -27.94 -4.29
C6 FUC G . -29.52 -28.07 -5.07
O2 FUC G . -31.78 -26.90 -0.26
O3 FUC G . -32.08 -29.54 -1.17
O4 FUC G . -29.77 -29.45 -2.75
O5 FUC G . -30.89 -26.57 -3.77
C1 NAG H . -6.57 28.49 8.24
C2 NAG H . -6.77 29.99 8.37
C3 NAG H . -5.79 30.68 7.45
C4 NAG H . -4.35 30.24 7.74
C5 NAG H . -4.23 28.71 7.83
C6 NAG H . -2.91 28.26 8.41
C7 NAG H . -8.79 31.34 8.70
C8 NAG H . -8.03 32.03 9.80
N2 NAG H . -8.14 30.37 8.05
O3 NAG H . -5.88 32.09 7.59
O4 NAG H . -3.48 30.72 6.72
O5 NAG H . -5.24 28.16 8.68
O6 NAG H . -1.97 27.95 7.38
O7 NAG H . -9.95 31.67 8.42
C FMT I . -33.96 27.75 -32.26
O1 FMT I . -34.81 28.03 -31.40
O2 FMT I . -32.84 28.26 -32.31
#